data_6HR7
#
_entry.id   6HR7
#
_cell.length_a   83.322
_cell.length_b   83.322
_cell.length_c   211.212
_cell.angle_alpha   90.00
_cell.angle_beta   90.00
_cell.angle_gamma   120.00
#
_symmetry.space_group_name_H-M   'P 31 1 2'
#
loop_
_entity.id
_entity.type
_entity.pdbx_description
1 polymer 'HMG-CoA reductase'
2 non-polymer 'SULFATE ION'
3 non-polymer 2,3-DIHYDROXY-1,4-DITHIOBUTANE
4 non-polymer 'SODIUM ION'
5 non-polymer GLYCEROL
6 non-polymer 'HEXAETHYLENE GLYCOL'
7 non-polymer 'CHLORIDE ION'
8 water water
#
_entity_poly.entity_id   1
_entity_poly.type   'polypeptide(L)'
_entity_poly.pdbx_seq_one_letter_code
;MGSSHHHHHHSSGLVPRGSHMMEKGNNEILEKLLKKEIKPYQLDDLVGEKEAIELRRKYIEKISQVETKHIGHYTIDEKE
AMKKNIENMIGAVQIPLGFAGPLKINGKYANGEFYVPLATTEGALVASVNRGCSIVTKCGGVTVRVIDDKMTRAPVIKTE
SVIDAVKLKEWIKENFQRIKEVAESTTRHGKLIDINPILIVGRYVYPRFVYKTGDAMGMNMVTIATEKACNFIEEELKKE
NINIHTVALSGNACVDKKPAGINLIEGRGKSIIAEVFLKEEEIKKYLKTTSKAIEQVNMYKNLIGSAISNSMGFNAHYAN
IIGALFLATGQDEAHIVEGSLGITVAECTEDGVYFSVTLPDVPVGTVGGGTRVETQKECLELLGCHGGDKALKFAEIVGA
TVLAGELSLIGALSVGHLARAHAQLGR
;
_entity_poly.pdbx_strand_id   A,B
#
loop_
_chem_comp.id
_chem_comp.type
_chem_comp.name
_chem_comp.formula
CL non-polymer 'CHLORIDE ION' 'Cl -1'
DTT non-polymer 2,3-DIHYDROXY-1,4-DITHIOBUTANE 'C4 H10 O2 S2'
GOL non-polymer GLYCEROL 'C3 H8 O3'
NA non-polymer 'SODIUM ION' 'Na 1'
P6G non-polymer 'HEXAETHYLENE GLYCOL' 'C12 H26 O7'
SO4 non-polymer 'SULFATE ION' 'O4 S -2'
#
# COMPACT_ATOMS: atom_id res chain seq x y z
N ASN A 27 9.32 12.71 -36.78
CA ASN A 27 7.98 12.29 -37.19
C ASN A 27 8.06 10.97 -37.96
N GLU A 28 9.15 10.81 -38.72
CA GLU A 28 9.39 9.55 -39.41
C GLU A 28 9.53 8.40 -38.43
N ILE A 29 10.19 8.64 -37.29
CA ILE A 29 10.33 7.63 -36.26
C ILE A 29 8.97 7.28 -35.67
N LEU A 30 8.14 8.29 -35.42
CA LEU A 30 6.81 8.02 -34.89
C LEU A 30 6.11 6.97 -35.73
N GLU A 31 6.24 7.07 -37.06
CA GLU A 31 5.60 6.11 -37.94
C GLU A 31 6.23 4.73 -37.80
N LYS A 32 7.56 4.66 -37.63
CA LYS A 32 8.22 3.37 -37.46
C LYS A 32 7.83 2.71 -36.13
N LEU A 33 7.47 3.49 -35.11
CA LEU A 33 6.90 2.90 -33.90
C LEU A 33 5.51 2.33 -34.15
N LEU A 34 4.68 3.03 -34.95
CA LEU A 34 3.35 2.53 -35.23
C LEU A 34 3.39 1.29 -36.08
N LYS A 35 4.36 1.20 -36.99
CA LYS A 35 4.56 0.01 -37.79
C LYS A 35 5.30 -1.09 -37.03
N LYS A 36 5.75 -0.81 -35.80
CA LYS A 36 6.47 -1.75 -34.95
C LYS A 36 7.85 -2.10 -35.50
N GLU A 37 8.43 -1.21 -36.33
CA GLU A 37 9.78 -1.45 -36.83
C GLU A 37 10.78 -1.28 -35.71
N ILE A 38 10.54 -0.33 -34.80
CA ILE A 38 11.36 -0.13 -33.63
C ILE A 38 10.48 -0.18 -32.39
N LYS A 39 11.03 -0.67 -31.28
CA LYS A 39 10.32 -0.73 -30.02
C LYS A 39 10.50 0.55 -29.21
N PRO A 40 9.57 0.87 -28.31
CA PRO A 40 9.75 2.06 -27.46
C PRO A 40 10.99 2.02 -26.58
N TYR A 41 11.42 0.83 -26.15
CA TYR A 41 12.53 0.75 -25.21
C TYR A 41 13.85 1.14 -25.87
N GLN A 42 13.98 0.93 -27.18
CA GLN A 42 15.23 1.20 -27.88
C GLN A 42 15.42 2.68 -28.22
N LEU A 43 14.46 3.54 -27.87
CA LEU A 43 14.49 4.92 -28.35
C LEU A 43 15.54 5.78 -27.66
N ASP A 44 15.85 5.51 -26.39
CA ASP A 44 16.65 6.47 -25.63
C ASP A 44 18.04 6.67 -26.22
N ASP A 45 18.56 5.69 -26.96
CA ASP A 45 19.89 5.81 -27.54
C ASP A 45 19.90 6.44 -28.93
N LEU A 46 18.81 6.30 -29.69
CA LEU A 46 18.75 6.91 -31.02
C LEU A 46 18.53 8.41 -30.92
N VAL A 47 17.79 8.84 -29.89
CA VAL A 47 17.44 10.24 -29.68
C VAL A 47 17.75 10.58 -28.24
N GLY A 48 17.77 11.88 -27.92
CA GLY A 48 17.89 12.28 -26.53
C GLY A 48 16.85 11.65 -25.63
N GLU A 49 17.19 11.44 -24.35
CA GLU A 49 16.20 10.86 -23.44
C GLU A 49 15.06 11.83 -23.15
N LYS A 50 15.35 13.13 -23.15
CA LYS A 50 14.30 14.13 -23.04
C LYS A 50 13.27 13.95 -24.14
N GLU A 51 13.73 13.79 -25.39
CA GLU A 51 12.81 13.62 -26.50
C GLU A 51 12.28 12.20 -26.62
N ALA A 52 13.02 11.21 -26.11
CA ALA A 52 12.46 9.86 -26.07
C ALA A 52 11.14 9.86 -25.32
N ILE A 53 11.06 10.65 -24.24
CA ILE A 53 9.86 10.68 -23.42
C ILE A 53 8.70 11.30 -24.18
N GLU A 54 8.96 12.37 -24.92
CA GLU A 54 7.89 13.01 -25.68
C GLU A 54 7.47 12.14 -26.85
N LEU A 55 8.42 11.48 -27.50
CA LEU A 55 8.08 10.61 -28.61
C LEU A 55 7.18 9.45 -28.18
N ARG A 56 7.57 8.72 -27.12
CA ARG A 56 6.73 7.60 -26.72
C ARG A 56 5.42 8.04 -26.08
N ARG A 57 5.31 9.31 -25.68
CA ARG A 57 3.99 9.80 -25.27
C ARG A 57 3.11 10.03 -26.50
N LYS A 58 3.66 10.61 -27.56
CA LYS A 58 2.91 10.72 -28.81
C LYS A 58 2.43 9.35 -29.27
N TYR A 59 3.25 8.32 -29.06
CA TYR A 59 2.93 6.99 -29.52
C TYR A 59 1.75 6.41 -28.75
N ILE A 60 1.76 6.54 -27.43
CA ILE A 60 0.64 6.05 -26.63
C ILE A 60 -0.60 6.89 -26.90
N GLU A 61 -0.43 8.19 -27.13
CA GLU A 61 -1.56 9.01 -27.53
C GLU A 61 -2.18 8.50 -28.83
N LYS A 62 -1.35 8.20 -29.83
CA LYS A 62 -1.92 7.78 -31.10
C LYS A 62 -2.55 6.39 -31.05
N ILE A 63 -2.09 5.50 -30.16
CA ILE A 63 -2.72 4.20 -30.03
C ILE A 63 -4.07 4.30 -29.35
N SER A 64 -4.17 5.10 -28.29
CA SER A 64 -5.41 5.25 -27.57
C SER A 64 -6.31 6.30 -28.18
N GLN A 65 -5.79 7.04 -29.15
CA GLN A 65 -6.56 8.06 -29.84
C GLN A 65 -7.08 9.12 -28.87
N VAL A 66 -6.26 9.49 -27.89
CA VAL A 66 -6.61 10.52 -26.91
C VAL A 66 -5.39 11.41 -26.67
N GLU A 67 -5.66 12.69 -26.42
CA GLU A 67 -4.63 13.71 -26.20
C GLU A 67 -4.43 13.93 -24.71
N THR A 68 -3.18 14.17 -24.29
CA THR A 68 -2.87 14.45 -22.91
C THR A 68 -2.27 15.85 -22.84
N LYS A 69 -2.49 16.53 -21.71
CA LYS A 69 -1.93 17.85 -21.47
C LYS A 69 -1.09 17.96 -20.20
N HIS A 70 -1.37 17.15 -19.17
CA HIS A 70 -0.76 17.29 -17.84
C HIS A 70 0.42 16.33 -17.62
N ILE A 71 0.29 15.05 -17.97
CA ILE A 71 1.37 14.10 -17.69
C ILE A 71 2.69 14.53 -18.33
N GLY A 72 2.63 15.39 -19.33
CA GLY A 72 3.85 15.87 -19.97
C GLY A 72 4.60 16.93 -19.22
N HIS A 73 4.01 17.49 -18.16
CA HIS A 73 4.71 18.43 -17.33
C HIS A 73 5.47 17.70 -16.22
N TYR A 74 6.78 17.84 -16.21
CA TYR A 74 7.58 17.30 -15.11
C TYR A 74 8.80 18.20 -14.92
N THR A 75 9.14 18.45 -13.66
CA THR A 75 10.36 19.19 -13.34
C THR A 75 11.50 18.28 -12.89
N ILE A 76 11.21 16.99 -12.61
CA ILE A 76 12.21 16.05 -12.12
C ILE A 76 13.23 15.74 -13.22
N ASP A 77 14.40 15.28 -12.78
CA ASP A 77 15.50 14.95 -13.68
C ASP A 77 15.15 13.63 -14.38
N GLU A 78 14.88 13.71 -15.69
CA GLU A 78 14.40 12.54 -16.44
C GLU A 78 15.51 11.55 -16.72
N LYS A 79 16.75 12.02 -16.93
CA LYS A 79 17.84 11.13 -17.32
C LYS A 79 18.18 10.15 -16.19
N GLU A 80 18.30 10.65 -14.97
CA GLU A 80 18.61 9.77 -13.86
C GLU A 80 17.38 9.00 -13.41
N ALA A 81 16.18 9.59 -13.54
CA ALA A 81 14.97 8.83 -13.27
C ALA A 81 14.86 7.62 -14.19
N MET A 82 15.22 7.79 -15.47
CA MET A 82 15.16 6.67 -16.40
C MET A 82 16.14 5.57 -16.01
N LYS A 83 17.26 5.92 -15.39
CA LYS A 83 18.29 4.95 -15.05
C LYS A 83 18.06 4.27 -13.71
N LYS A 84 17.28 4.87 -12.81
CA LYS A 84 17.18 4.35 -11.46
C LYS A 84 15.77 4.16 -10.92
N ASN A 85 14.73 4.73 -11.55
CA ASN A 85 13.40 4.79 -10.97
C ASN A 85 12.28 4.30 -11.88
N ILE A 86 12.48 4.26 -13.20
CA ILE A 86 11.36 4.04 -14.12
C ILE A 86 11.92 3.61 -15.46
N GLU A 87 11.09 2.93 -16.25
CA GLU A 87 11.37 2.61 -17.64
C GLU A 87 10.17 3.05 -18.47
N ASN A 88 10.41 3.23 -19.78
CA ASN A 88 9.36 3.63 -20.73
C ASN A 88 8.66 4.92 -20.29
N MET A 89 9.43 5.85 -19.71
CA MET A 89 8.85 7.07 -19.14
C MET A 89 8.14 7.90 -20.20
N ILE A 90 6.93 8.35 -19.89
CA ILE A 90 6.20 9.30 -20.74
C ILE A 90 5.92 10.62 -20.03
N GLY A 91 6.21 10.75 -18.75
CA GLY A 91 5.92 11.97 -18.04
C GLY A 91 5.86 11.71 -16.56
N ALA A 92 4.96 12.40 -15.86
CA ALA A 92 4.84 12.23 -14.42
C ALA A 92 3.39 12.38 -14.00
N VAL A 93 3.06 11.69 -12.94
CA VAL A 93 1.81 11.88 -12.22
C VAL A 93 2.07 12.88 -11.11
N GLN A 94 1.07 13.70 -10.81
CA GLN A 94 1.17 14.71 -9.76
C GLN A 94 0.21 14.38 -8.63
N ILE A 95 0.74 14.28 -7.41
CA ILE A 95 -0.05 13.95 -6.23
C ILE A 95 -0.13 15.21 -5.36
N PRO A 96 -1.33 15.64 -4.97
CA PRO A 96 -1.43 16.84 -4.12
C PRO A 96 -0.66 16.66 -2.84
N LEU A 97 0.05 17.71 -2.45
CA LEU A 97 0.93 17.66 -1.29
C LEU A 97 0.47 18.69 -0.28
N GLY A 98 0.21 18.22 0.94
CA GLY A 98 -0.12 19.11 2.04
C GLY A 98 0.83 18.89 3.20
N PHE A 99 0.52 19.44 4.37
CA PHE A 99 1.31 19.19 5.57
C PHE A 99 0.37 19.09 6.76
N ALA A 100 0.86 18.48 7.84
CA ALA A 100 0.15 18.43 9.11
C ALA A 100 1.10 18.91 10.21
N GLY A 101 0.63 19.80 11.06
CA GLY A 101 1.48 20.30 12.12
C GLY A 101 0.87 21.43 12.90
N PRO A 102 1.56 21.90 13.96
CA PRO A 102 2.88 21.38 14.39
C PRO A 102 2.78 20.07 15.14
N LEU A 103 3.82 19.25 15.07
CA LEU A 103 3.84 17.93 15.70
C LEU A 103 5.08 17.86 16.59
N LYS A 104 4.90 18.00 17.90
CA LYS A 104 6.01 17.92 18.85
C LYS A 104 6.33 16.46 19.16
N ILE A 105 7.60 16.07 19.00
CA ILE A 105 8.01 14.68 19.16
C ILE A 105 9.09 14.61 20.22
N ASN A 106 8.93 13.67 21.16
CA ASN A 106 9.91 13.40 22.21
C ASN A 106 10.52 12.05 21.91
N GLY A 107 11.53 12.06 21.04
CA GLY A 107 12.18 10.85 20.60
C GLY A 107 13.67 10.83 20.96
N LYS A 108 14.30 9.71 20.62
CA LYS A 108 15.74 9.58 20.75
C LYS A 108 16.48 10.36 19.66
N TYR A 109 15.92 10.44 18.45
CA TYR A 109 16.55 11.10 17.32
C TYR A 109 15.75 12.28 16.77
N ALA A 110 14.44 12.31 16.98
CA ALA A 110 13.61 13.43 16.54
C ALA A 110 13.16 14.19 17.78
N ASN A 111 13.55 15.47 17.86
CA ASN A 111 13.13 16.33 18.96
C ASN A 111 12.72 17.70 18.42
N GLY A 112 11.64 18.23 18.99
CA GLY A 112 11.11 19.52 18.61
C GLY A 112 9.79 19.40 17.87
N GLU A 113 9.40 20.52 17.27
CA GLU A 113 8.16 20.59 16.50
C GLU A 113 8.48 20.36 15.03
N PHE A 114 7.72 19.47 14.41
CA PHE A 114 7.87 19.11 13.02
C PHE A 114 6.59 19.43 12.28
N TYR A 115 6.72 19.81 11.02
CA TYR A 115 5.61 19.93 10.09
C TYR A 115 5.76 18.83 9.06
N VAL A 116 4.83 17.88 9.07
CA VAL A 116 4.98 16.62 8.36
C VAL A 116 4.31 16.77 7.00
N PRO A 117 5.03 16.58 5.89
CA PRO A 117 4.38 16.63 4.58
C PRO A 117 3.68 15.32 4.25
N LEU A 118 2.53 15.44 3.60
CA LEU A 118 1.65 14.30 3.32
C LEU A 118 1.10 14.47 1.91
N ALA A 119 1.34 13.48 1.07
CA ALA A 119 0.86 13.50 -0.31
C ALA A 119 -0.28 12.48 -0.43
N THR A 120 -1.44 12.95 -0.88
CA THR A 120 -2.61 12.08 -0.98
C THR A 120 -3.62 12.66 -1.97
N THR A 121 -4.51 11.78 -2.42
CA THR A 121 -5.70 12.18 -3.16
C THR A 121 -6.98 12.00 -2.34
N GLU A 122 -6.87 11.49 -1.11
CA GLU A 122 -8.03 11.28 -0.26
C GLU A 122 -8.32 12.56 0.51
N GLY A 123 -9.50 13.15 0.28
CA GLY A 123 -9.88 14.31 1.03
C GLY A 123 -10.14 13.97 2.48
N ALA A 124 -9.82 14.90 3.36
CA ALA A 124 -10.07 14.86 4.79
C ALA A 124 -8.98 14.09 5.57
N LEU A 125 -8.10 13.36 4.90
CA LEU A 125 -7.07 12.60 5.62
C LEU A 125 -6.06 13.54 6.26
N VAL A 126 -5.51 14.47 5.47
CA VAL A 126 -4.56 15.43 6.02
C VAL A 126 -5.19 16.22 7.16
N ALA A 127 -6.47 16.59 7.03
CA ALA A 127 -7.13 17.35 8.09
C ALA A 127 -7.25 16.53 9.36
N SER A 128 -7.51 15.22 9.23
CA SER A 128 -7.60 14.38 10.42
C SER A 128 -6.26 14.29 11.15
N VAL A 129 -5.15 14.14 10.42
CA VAL A 129 -3.84 14.09 11.06
C VAL A 129 -3.46 15.46 11.61
N ASN A 130 -3.70 16.51 10.83
CA ASN A 130 -3.40 17.86 11.29
C ASN A 130 -4.08 18.17 12.61
N ARG A 131 -5.32 17.68 12.77
CA ARG A 131 -6.02 17.85 14.04
C ARG A 131 -5.33 17.06 15.15
N GLY A 132 -4.88 15.84 14.86
CA GLY A 132 -4.18 15.06 15.87
C GLY A 132 -2.86 15.68 16.30
N CYS A 133 -2.11 16.24 15.34
CA CYS A 133 -0.82 16.81 15.67
C CYS A 133 -0.95 17.94 16.68
N SER A 134 -1.96 18.80 16.51
CA SER A 134 -2.13 19.96 17.38
C SER A 134 -2.55 19.52 18.78
N ILE A 135 -3.45 18.55 18.89
CA ILE A 135 -3.90 18.10 20.21
C ILE A 135 -2.74 17.53 21.00
N VAL A 136 -1.94 16.66 20.36
CA VAL A 136 -0.81 16.04 21.04
C VAL A 136 0.23 17.08 21.40
N THR A 137 0.54 17.99 20.47
CA THR A 137 1.61 18.95 20.69
C THR A 137 1.37 19.76 21.96
N LYS A 138 0.16 20.23 22.16
CA LYS A 138 -0.09 21.06 23.34
C LYS A 138 -0.42 20.22 24.57
N CYS A 139 -0.43 18.90 24.45
CA CYS A 139 -0.43 18.01 25.61
C CYS A 139 0.96 17.45 25.91
N GLY A 140 2.00 17.96 25.25
CA GLY A 140 3.38 17.61 25.59
C GLY A 140 4.16 16.88 24.51
N GLY A 141 3.58 16.51 23.38
CA GLY A 141 4.31 15.81 22.33
C GLY A 141 4.22 14.30 22.43
N VAL A 142 4.78 13.63 21.42
CA VAL A 142 4.71 12.17 21.28
C VAL A 142 6.02 11.55 21.74
N THR A 143 5.93 10.58 22.65
CA THR A 143 7.07 9.77 23.01
C THR A 143 7.15 8.64 22.00
N VAL A 144 8.30 8.49 21.37
CA VAL A 144 8.48 7.51 20.33
C VAL A 144 9.85 6.88 20.49
N ARG A 145 9.94 5.60 20.16
CA ARG A 145 11.20 4.88 20.19
C ARG A 145 11.24 3.90 19.04
N VAL A 146 12.39 3.80 18.40
CA VAL A 146 12.65 2.73 17.45
C VAL A 146 13.08 1.50 18.23
N ILE A 147 12.28 0.43 18.13
CA ILE A 147 12.50 -0.80 18.85
C ILE A 147 13.53 -1.68 18.15
N ASP A 148 13.57 -1.65 16.83
CA ASP A 148 14.44 -2.53 16.06
C ASP A 148 14.62 -1.93 14.67
N ASP A 149 15.70 -2.34 14.02
CA ASP A 149 16.11 -1.77 12.74
C ASP A 149 16.89 -2.82 11.98
N LYS A 150 16.28 -3.41 10.96
CA LYS A 150 16.92 -4.50 10.22
C LYS A 150 16.15 -4.68 8.92
N MET A 151 16.80 -5.31 7.94
CA MET A 151 16.19 -5.71 6.68
C MET A 151 16.52 -7.17 6.43
N THR A 152 15.59 -7.90 5.80
CA THR A 152 15.69 -9.33 5.71
C THR A 152 15.55 -9.81 4.27
N ARG A 153 16.20 -10.96 4.01
CA ARG A 153 16.07 -11.70 2.77
C ARG A 153 16.14 -13.18 3.11
N ALA A 154 15.17 -13.94 2.63
CA ALA A 154 15.03 -15.36 2.97
C ALA A 154 14.93 -16.17 1.69
N PRO A 155 16.04 -16.71 1.20
CA PRO A 155 15.97 -17.58 0.01
C PRO A 155 15.26 -18.90 0.31
N VAL A 156 14.90 -19.60 -0.78
CA VAL A 156 14.50 -21.01 -0.76
C VAL A 156 15.67 -21.79 -1.27
N ILE A 157 16.12 -22.75 -0.49
CA ILE A 157 17.21 -23.65 -0.89
C ILE A 157 16.62 -25.04 -0.94
N LYS A 158 16.82 -25.73 -2.06
CA LYS A 158 16.41 -27.13 -2.17
C LYS A 158 17.59 -28.00 -1.75
N THR A 159 17.31 -29.00 -0.93
CA THR A 159 18.28 -30.03 -0.59
C THR A 159 17.71 -31.37 -1.01
N GLU A 160 18.55 -32.40 -0.97
CA GLU A 160 18.12 -33.72 -1.42
C GLU A 160 17.08 -34.34 -0.49
N SER A 161 17.14 -34.01 0.80
CA SER A 161 16.27 -34.65 1.79
C SER A 161 16.37 -33.89 3.10
N VAL A 162 15.45 -34.20 4.02
CA VAL A 162 15.48 -33.59 5.35
C VAL A 162 16.80 -33.87 6.04
N ILE A 163 17.44 -34.99 5.75
CA ILE A 163 18.75 -35.25 6.36
C ILE A 163 19.75 -34.16 5.98
N ASP A 164 19.86 -33.85 4.68
CA ASP A 164 20.72 -32.77 4.25
C ASP A 164 20.21 -31.40 4.70
N ALA A 165 18.89 -31.21 4.72
CA ALA A 165 18.36 -29.93 5.19
C ALA A 165 18.78 -29.66 6.64
N VAL A 166 18.79 -30.70 7.48
CA VAL A 166 19.26 -30.51 8.85
C VAL A 166 20.75 -30.19 8.85
N LYS A 167 21.55 -30.93 8.08
CA LYS A 167 22.97 -30.63 7.97
C LYS A 167 23.20 -29.18 7.55
N LEU A 168 22.42 -28.70 6.58
CA LEU A 168 22.56 -27.33 6.07
C LEU A 168 22.31 -26.30 7.18
N LYS A 169 21.21 -26.48 7.91
CA LYS A 169 20.87 -25.56 8.99
C LYS A 169 21.99 -25.50 10.03
N GLU A 170 22.52 -26.67 10.43
CA GLU A 170 23.58 -26.73 11.43
C GLU A 170 24.89 -26.11 10.92
N TRP A 171 25.19 -26.32 9.63
CA TRP A 171 26.39 -25.72 9.06
C TRP A 171 26.28 -24.20 9.06
N ILE A 172 25.10 -23.65 8.69
CA ILE A 172 24.92 -22.20 8.73
C ILE A 172 25.16 -21.67 10.14
N LYS A 173 24.56 -22.33 11.13
CA LYS A 173 24.71 -21.87 12.51
C LYS A 173 26.18 -21.94 12.94
N GLU A 174 26.90 -22.96 12.47
CA GLU A 174 28.29 -23.17 12.86
C GLU A 174 29.23 -22.20 12.15
N ASN A 175 28.96 -21.87 10.89
CA ASN A 175 29.87 -21.09 10.07
C ASN A 175 29.35 -19.68 9.84
N PHE A 176 28.60 -19.15 10.81
CA PHE A 176 27.97 -17.84 10.62
C PHE A 176 29.01 -16.75 10.40
N GLN A 177 30.11 -16.77 11.17
CA GLN A 177 31.12 -15.71 11.02
C GLN A 177 31.69 -15.68 9.62
N ARG A 178 31.95 -16.85 9.02
CA ARG A 178 32.47 -16.87 7.65
C ARG A 178 31.43 -16.37 6.65
N ILE A 179 30.18 -16.78 6.80
CA ILE A 179 29.14 -16.27 5.91
C ILE A 179 29.03 -14.77 6.06
N LYS A 180 29.26 -14.26 7.27
CA LYS A 180 29.15 -12.84 7.53
C LYS A 180 30.18 -12.05 6.74
N GLU A 181 31.43 -12.55 6.73
CA GLU A 181 32.49 -11.86 6.00
C GLU A 181 32.25 -11.88 4.49
N VAL A 182 31.72 -12.98 3.97
CA VAL A 182 31.40 -13.02 2.54
C VAL A 182 30.30 -12.00 2.23
N ALA A 183 29.26 -11.97 3.05
CA ALA A 183 28.17 -11.03 2.84
C ALA A 183 28.65 -9.59 2.89
N GLU A 184 29.48 -9.26 3.87
CA GLU A 184 29.88 -7.86 4.04
C GLU A 184 30.89 -7.42 2.99
N SER A 185 31.52 -8.34 2.27
CA SER A 185 32.47 -7.97 1.22
C SER A 185 31.79 -7.32 0.02
N THR A 186 30.46 -7.36 -0.07
CA THR A 186 29.72 -6.76 -1.18
C THR A 186 29.22 -5.36 -0.88
N THR A 187 29.39 -4.88 0.34
CA THR A 187 28.77 -3.64 0.74
C THR A 187 29.61 -2.92 1.79
N ARG A 188 29.50 -1.61 1.77
CA ARG A 188 30.19 -0.77 2.74
C ARG A 188 29.31 -0.42 3.94
N HIS A 189 27.99 -0.46 3.76
CA HIS A 189 27.05 -0.16 4.82
C HIS A 189 26.35 -1.38 5.39
N GLY A 190 26.24 -2.45 4.63
CA GLY A 190 25.51 -3.62 5.09
C GLY A 190 26.31 -4.43 6.07
N LYS A 191 25.63 -4.83 7.15
CA LYS A 191 26.20 -5.73 8.13
C LYS A 191 25.22 -6.88 8.33
N LEU A 192 25.68 -8.11 8.14
CA LEU A 192 24.88 -9.28 8.45
C LEU A 192 25.00 -9.54 9.95
N ILE A 193 23.87 -9.45 10.65
CA ILE A 193 23.86 -9.60 12.10
C ILE A 193 23.23 -10.91 12.56
N ASP A 194 22.51 -11.61 11.69
CA ASP A 194 21.89 -12.87 12.11
C ASP A 194 21.38 -13.60 10.88
N ILE A 195 21.19 -14.90 11.06
CA ILE A 195 20.47 -15.75 10.11
C ILE A 195 19.45 -16.49 10.97
N ASN A 196 18.29 -15.88 11.16
CA ASN A 196 17.30 -16.40 12.09
C ASN A 196 15.90 -15.85 11.82
N PRO A 197 14.86 -16.69 11.89
CA PRO A 197 14.91 -18.14 12.02
C PRO A 197 15.34 -18.82 10.73
N ILE A 198 15.66 -20.10 10.82
CA ILE A 198 15.98 -20.92 9.66
C ILE A 198 14.88 -21.96 9.58
N LEU A 199 13.95 -21.75 8.66
CA LEU A 199 12.78 -22.60 8.55
C LEU A 199 13.10 -23.76 7.60
N ILE A 200 12.57 -24.93 7.92
CA ILE A 200 12.70 -26.13 7.09
C ILE A 200 11.30 -26.68 6.83
N VAL A 201 10.97 -26.91 5.56
CA VAL A 201 9.74 -27.62 5.18
C VAL A 201 10.13 -28.77 4.27
N GLY A 202 10.00 -30.00 4.77
CA GLY A 202 10.46 -31.14 4.00
C GLY A 202 11.96 -31.08 3.81
N ARG A 203 12.38 -30.90 2.56
CA ARG A 203 13.79 -30.80 2.20
C ARG A 203 14.15 -29.39 1.73
N TYR A 204 13.28 -28.41 1.99
CA TYR A 204 13.47 -27.04 1.57
C TYR A 204 13.83 -26.19 2.79
N VAL A 205 14.78 -25.27 2.62
CA VAL A 205 15.32 -24.50 3.72
C VAL A 205 15.20 -23.02 3.39
N TYR A 206 14.64 -22.27 4.34
CA TYR A 206 14.34 -20.84 4.20
C TYR A 206 15.13 -20.10 5.26
N PRO A 207 16.38 -19.71 4.98
CA PRO A 207 17.16 -18.99 5.99
C PRO A 207 16.88 -17.49 5.93
N ARG A 208 16.45 -16.94 7.05
CA ARG A 208 16.14 -15.50 7.12
C ARG A 208 17.41 -14.73 7.46
N PHE A 209 18.08 -14.19 6.45
CA PHE A 209 19.27 -13.36 6.69
C PHE A 209 18.84 -12.00 7.20
N VAL A 210 19.46 -11.54 8.29
CA VAL A 210 19.07 -10.29 8.95
C VAL A 210 20.24 -9.33 8.83
N TYR A 211 20.01 -8.19 8.17
CA TYR A 211 21.06 -7.22 7.90
C TYR A 211 20.76 -5.88 8.56
N LYS A 212 21.84 -5.17 8.90
CA LYS A 212 21.80 -3.73 9.12
C LYS A 212 22.13 -3.04 7.81
N THR A 213 21.42 -1.96 7.50
CA THR A 213 21.51 -1.32 6.20
C THR A 213 21.86 0.15 6.28
N GLY A 214 22.20 0.66 7.46
CA GLY A 214 22.41 2.10 7.62
C GLY A 214 21.10 2.84 7.38
N ASP A 215 21.16 3.87 6.54
CA ASP A 215 20.02 4.73 6.28
C ASP A 215 19.29 4.36 4.98
N ALA A 216 19.77 3.35 4.27
CA ALA A 216 19.05 2.83 3.13
C ALA A 216 17.95 1.90 3.61
N MET A 217 16.92 1.76 2.77
CA MET A 217 15.90 0.76 3.05
C MET A 217 16.49 -0.66 2.97
N GLY A 218 17.42 -0.87 2.04
CA GLY A 218 18.24 -2.07 2.02
C GLY A 218 17.83 -3.16 1.04
N MET A 219 16.77 -2.94 0.25
CA MET A 219 16.31 -3.98 -0.67
C MET A 219 17.44 -4.52 -1.54
N ASN A 220 18.14 -3.63 -2.25
CA ASN A 220 19.17 -4.05 -3.20
C ASN A 220 20.44 -4.52 -2.51
N MET A 221 20.78 -3.92 -1.36
CA MET A 221 21.98 -4.35 -0.65
C MET A 221 21.84 -5.77 -0.12
N VAL A 222 20.68 -6.10 0.46
CA VAL A 222 20.53 -7.42 1.05
C VAL A 222 20.38 -8.49 -0.02
N THR A 223 19.94 -8.13 -1.23
CA THR A 223 19.88 -9.11 -2.30
C THR A 223 21.28 -9.44 -2.82
N ILE A 224 22.14 -8.43 -2.98
CA ILE A 224 23.49 -8.70 -3.48
C ILE A 224 24.31 -9.44 -2.42
N ALA A 225 24.19 -9.03 -1.16
CA ALA A 225 24.95 -9.66 -0.09
C ALA A 225 24.47 -11.08 0.16
N THR A 226 23.17 -11.32 0.05
CA THR A 226 22.64 -12.65 0.31
C THR A 226 22.98 -13.61 -0.81
N GLU A 227 23.03 -13.12 -2.06
CA GLU A 227 23.34 -14.02 -3.17
C GLU A 227 24.76 -14.56 -3.09
N LYS A 228 25.74 -13.69 -2.80
CA LYS A 228 27.10 -14.18 -2.66
C LYS A 228 27.22 -15.11 -1.47
N ALA A 229 26.52 -14.80 -0.38
CA ALA A 229 26.54 -15.68 0.78
C ALA A 229 26.01 -17.06 0.42
N CYS A 230 24.94 -17.12 -0.38
CA CYS A 230 24.37 -18.40 -0.76
C CYS A 230 25.29 -19.16 -1.72
N ASN A 231 25.95 -18.47 -2.65
CA ASN A 231 26.94 -19.14 -3.48
C ASN A 231 28.04 -19.76 -2.63
N PHE A 232 28.45 -19.05 -1.57
CA PHE A 232 29.53 -19.53 -0.72
C PHE A 232 29.08 -20.75 0.10
N ILE A 233 27.86 -20.71 0.63
CA ILE A 233 27.32 -21.86 1.35
C ILE A 233 27.25 -23.07 0.42
N GLU A 234 26.73 -22.87 -0.80
CA GLU A 234 26.57 -23.96 -1.75
C GLU A 234 27.91 -24.62 -2.08
N GLU A 235 28.96 -23.82 -2.27
CA GLU A 235 30.27 -24.40 -2.59
C GLU A 235 30.90 -25.08 -1.37
N GLU A 236 30.78 -24.47 -0.18
CA GLU A 236 31.35 -25.09 1.01
C GLU A 236 30.67 -26.41 1.31
N LEU A 237 29.35 -26.50 1.13
CA LEU A 237 28.67 -27.78 1.34
C LEU A 237 29.04 -28.79 0.27
N LYS A 238 29.33 -28.35 -0.96
CA LYS A 238 29.68 -29.31 -1.99
C LYS A 238 30.98 -30.05 -1.64
N LYS A 239 31.89 -29.38 -0.92
CA LYS A 239 33.14 -30.02 -0.50
C LYS A 239 32.86 -31.20 0.43
N GLU A 240 31.77 -31.14 1.18
CA GLU A 240 31.36 -32.23 2.05
C GLU A 240 30.41 -33.19 1.34
N ASN A 241 30.32 -33.10 0.01
CA ASN A 241 29.43 -33.96 -0.78
C ASN A 241 27.98 -33.82 -0.31
N ILE A 242 27.52 -32.57 -0.22
CA ILE A 242 26.13 -32.24 0.04
C ILE A 242 25.71 -31.22 -1.01
N ASN A 243 24.77 -31.61 -1.85
CA ASN A 243 24.36 -30.82 -2.99
C ASN A 243 23.11 -30.03 -2.63
N ILE A 244 23.22 -28.70 -2.69
CA ILE A 244 22.11 -27.78 -2.48
C ILE A 244 22.12 -26.80 -3.62
N HIS A 245 21.02 -26.06 -3.79
CA HIS A 245 21.03 -24.94 -4.71
C HIS A 245 19.89 -24.02 -4.35
N THR A 246 20.16 -22.73 -4.53
CA THR A 246 19.18 -21.71 -4.22
C THR A 246 18.17 -21.70 -5.35
N VAL A 247 16.89 -21.90 -5.02
CA VAL A 247 15.84 -21.81 -6.02
C VAL A 247 15.54 -20.34 -6.33
N ALA A 248 15.52 -19.48 -5.31
CA ALA A 248 15.26 -18.07 -5.49
C ALA A 248 15.78 -17.31 -4.26
N LEU A 249 16.35 -16.13 -4.50
CA LEU A 249 16.84 -15.31 -3.40
C LEU A 249 15.72 -14.77 -2.53
N SER A 250 14.49 -14.69 -3.06
CA SER A 250 13.31 -14.33 -2.27
C SER A 250 12.35 -15.51 -2.24
N GLY A 251 12.32 -16.21 -1.10
CA GLY A 251 11.49 -17.39 -0.96
C GLY A 251 10.15 -17.15 -0.33
N ASN A 252 9.72 -15.88 -0.25
CA ASN A 252 8.46 -15.45 0.34
C ASN A 252 8.41 -15.68 1.86
N ALA A 253 9.56 -15.93 2.49
CA ALA A 253 9.64 -15.96 3.95
C ALA A 253 10.32 -14.71 4.51
N CYS A 254 10.57 -13.70 3.67
CA CYS A 254 11.31 -12.50 4.10
C CYS A 254 10.62 -11.74 5.26
N VAL A 255 9.35 -11.32 5.18
CA VAL A 255 8.49 -11.33 3.99
C VAL A 255 8.45 -9.91 3.41
N ASP A 256 8.43 -9.79 2.09
CA ASP A 256 8.58 -8.50 1.44
C ASP A 256 7.30 -8.17 0.69
N LYS A 257 6.67 -7.05 1.05
CA LYS A 257 5.51 -6.52 0.34
C LYS A 257 4.33 -7.48 0.38
N LYS A 258 4.21 -8.24 1.46
CA LYS A 258 3.01 -9.02 1.75
C LYS A 258 2.79 -9.01 3.25
N PRO A 259 1.54 -9.20 3.70
CA PRO A 259 1.27 -9.25 5.14
C PRO A 259 1.52 -10.64 5.69
N ALA A 260 2.35 -10.74 6.73
CA ALA A 260 2.77 -12.05 7.22
C ALA A 260 3.08 -12.00 8.71
N GLY A 261 2.78 -13.12 9.39
CA GLY A 261 3.05 -13.23 10.80
C GLY A 261 4.52 -13.10 11.16
N ILE A 262 5.41 -13.60 10.32
CA ILE A 262 6.83 -13.52 10.62
C ILE A 262 7.25 -12.06 10.76
N ASN A 263 6.65 -11.17 9.95
CA ASN A 263 6.95 -9.75 10.05
C ASN A 263 6.29 -9.12 11.28
N LEU A 264 5.05 -9.50 11.57
CA LEU A 264 4.37 -9.01 12.76
C LEU A 264 5.10 -9.41 14.05
N ILE A 265 5.74 -10.58 14.06
CA ILE A 265 6.34 -11.16 15.26
C ILE A 265 7.82 -10.79 15.39
N GLU A 266 8.61 -11.17 14.38
CA GLU A 266 10.06 -10.91 14.37
C GLU A 266 10.40 -9.51 13.92
N GLY A 267 9.49 -8.81 13.24
CA GLY A 267 9.77 -7.48 12.74
C GLY A 267 10.51 -7.48 11.41
N ARG A 268 10.44 -6.33 10.74
CA ARG A 268 11.17 -6.06 9.50
C ARG A 268 11.23 -4.54 9.34
N GLY A 269 12.21 -4.07 8.58
CA GLY A 269 12.43 -2.63 8.52
C GLY A 269 12.59 -2.05 9.93
N LYS A 270 12.00 -0.87 10.15
CA LYS A 270 11.99 -0.24 11.46
C LYS A 270 10.79 -0.74 12.26
N SER A 271 11.01 -1.12 13.52
CA SER A 271 9.91 -1.39 14.45
C SER A 271 9.77 -0.20 15.39
N ILE A 272 8.60 0.45 15.37
CA ILE A 272 8.42 1.75 15.98
C ILE A 272 7.31 1.65 17.00
N ILE A 273 7.46 2.36 18.11
CA ILE A 273 6.40 2.49 19.10
C ILE A 273 6.30 3.96 19.51
N ALA A 274 5.08 4.49 19.50
CA ALA A 274 4.79 5.85 19.93
C ALA A 274 3.70 5.84 21.00
N GLU A 275 3.81 6.78 21.92
CA GLU A 275 2.96 6.87 23.11
C GLU A 275 2.59 8.31 23.44
N VAL A 276 1.44 8.47 24.08
CA VAL A 276 1.08 9.72 24.75
C VAL A 276 0.30 9.36 26.00
N PHE A 277 0.47 10.17 27.04
CA PHE A 277 -0.41 10.18 28.19
C PHE A 277 -1.21 11.47 28.14
N LEU A 278 -2.54 11.37 28.22
CA LEU A 278 -3.42 12.53 28.20
C LEU A 278 -4.27 12.54 29.46
N LYS A 279 -4.39 13.72 30.07
CA LYS A 279 -5.19 13.82 31.28
C LYS A 279 -6.66 13.95 30.93
N GLU A 280 -7.50 13.56 31.87
CA GLU A 280 -8.94 13.61 31.63
C GLU A 280 -9.36 15.00 31.18
N GLU A 281 -8.76 16.04 31.76
CA GLU A 281 -9.13 17.40 31.40
C GLU A 281 -8.72 17.75 29.97
N GLU A 282 -7.60 17.19 29.49
CA GLU A 282 -7.21 17.42 28.10
C GLU A 282 -8.08 16.64 27.12
N ILE A 283 -8.50 15.43 27.50
CA ILE A 283 -9.37 14.65 26.63
C ILE A 283 -10.71 15.34 26.45
N LYS A 284 -11.27 15.88 27.54
CA LYS A 284 -12.54 16.59 27.47
C LYS A 284 -12.43 17.86 26.66
N LYS A 285 -11.33 18.58 26.81
CA LYS A 285 -11.18 19.90 26.22
C LYS A 285 -10.82 19.82 24.75
N TYR A 286 -9.90 18.93 24.38
CA TYR A 286 -9.40 18.87 23.02
C TYR A 286 -10.08 17.80 22.18
N LEU A 287 -10.38 16.63 22.73
CA LEU A 287 -11.04 15.56 21.99
C LEU A 287 -12.54 15.54 22.21
N LYS A 288 -13.06 16.32 23.14
CA LYS A 288 -14.50 16.41 23.38
C LYS A 288 -15.11 15.06 23.74
N THR A 289 -14.40 14.27 24.53
CA THR A 289 -14.87 12.94 24.92
C THR A 289 -14.25 12.57 26.26
N THR A 290 -14.26 11.28 26.58
CA THR A 290 -13.69 10.79 27.82
C THR A 290 -12.75 9.63 27.54
N SER A 291 -11.96 9.30 28.56
CA SER A 291 -10.96 8.23 28.42
C SER A 291 -11.63 6.88 28.34
N LYS A 292 -12.81 6.73 28.97
CA LYS A 292 -13.51 5.45 28.91
C LYS A 292 -13.97 5.17 27.48
N ALA A 293 -14.55 6.18 26.83
CA ALA A 293 -15.08 6.01 25.48
C ALA A 293 -13.97 5.69 24.48
N ILE A 294 -12.83 6.36 24.61
CA ILE A 294 -11.67 6.07 23.79
C ILE A 294 -11.20 4.63 24.00
N GLU A 295 -11.13 4.20 25.27
CA GLU A 295 -10.75 2.82 25.54
C GLU A 295 -11.78 1.86 24.93
N GLN A 296 -13.07 2.19 25.04
CA GLN A 296 -14.13 1.33 24.54
C GLN A 296 -14.10 1.23 23.02
N VAL A 297 -13.94 2.36 22.34
CA VAL A 297 -13.86 2.31 20.89
C VAL A 297 -12.70 1.43 20.46
N ASN A 298 -11.52 1.69 21.03
CA ASN A 298 -10.34 0.94 20.65
C ASN A 298 -10.56 -0.55 20.85
N MET A 299 -11.18 -0.95 21.96
CA MET A 299 -11.40 -2.37 22.20
C MET A 299 -12.35 -2.97 21.18
N TYR A 300 -13.52 -2.36 21.00
CA TYR A 300 -14.53 -2.95 20.13
C TYR A 300 -14.10 -2.92 18.68
N LYS A 301 -13.43 -1.85 18.26
CA LYS A 301 -13.04 -1.73 16.86
C LYS A 301 -11.66 -2.32 16.61
N ASN A 302 -10.64 -1.72 17.22
CA ASN A 302 -9.28 -2.06 16.86
C ASN A 302 -8.89 -3.45 17.31
N LEU A 303 -9.39 -3.92 18.45
CA LEU A 303 -8.99 -5.21 18.99
C LEU A 303 -9.97 -6.33 18.66
N ILE A 304 -11.21 -6.25 19.17
CA ILE A 304 -12.18 -7.31 18.93
C ILE A 304 -12.57 -7.37 17.46
N GLY A 305 -12.80 -6.21 16.84
CA GLY A 305 -13.21 -6.20 15.44
C GLY A 305 -12.18 -6.84 14.54
N SER A 306 -10.89 -6.53 14.77
CA SER A 306 -9.82 -7.13 13.99
C SER A 306 -9.64 -8.60 14.31
N ALA A 307 -9.87 -8.97 15.57
CA ALA A 307 -9.75 -10.36 15.97
C ALA A 307 -10.80 -11.22 15.27
N ILE A 308 -12.05 -10.77 15.23
CA ILE A 308 -13.10 -11.64 14.70
C ILE A 308 -13.08 -11.70 13.17
N SER A 309 -12.52 -10.70 12.49
CA SER A 309 -12.41 -10.72 11.04
C SER A 309 -11.07 -11.28 10.57
N ASN A 310 -10.30 -11.86 11.49
CA ASN A 310 -9.00 -12.45 11.20
C ASN A 310 -8.09 -11.46 10.46
N SER A 311 -8.01 -10.26 11.01
CA SER A 311 -7.15 -9.22 10.45
C SER A 311 -5.81 -9.21 11.19
N MET A 312 -4.77 -8.79 10.49
CA MET A 312 -3.47 -8.56 11.12
C MET A 312 -3.25 -7.09 11.49
N GLY A 313 -4.17 -6.22 11.13
CA GLY A 313 -4.06 -4.83 11.50
C GLY A 313 -5.04 -4.52 12.62
N PHE A 314 -4.52 -4.48 13.84
CA PHE A 314 -5.33 -4.17 15.01
C PHE A 314 -5.28 -2.65 15.25
N ASN A 315 -5.65 -1.93 14.20
CA ASN A 315 -5.54 -0.47 14.17
C ASN A 315 -6.59 0.09 13.20
N ALA A 316 -6.73 1.41 13.22
CA ALA A 316 -7.74 2.08 12.41
C ALA A 316 -7.18 2.64 11.11
N HIS A 317 -6.00 3.28 11.16
CA HIS A 317 -5.59 4.19 10.10
C HIS A 317 -4.13 4.06 9.70
N TYR A 318 -3.40 3.03 10.12
CA TYR A 318 -1.96 3.03 9.84
C TYR A 318 -1.70 3.16 8.35
N ALA A 319 -2.34 2.30 7.55
CA ALA A 319 -2.04 2.26 6.11
C ALA A 319 -2.27 3.63 5.46
N ASN A 320 -3.34 4.33 5.86
CA ASN A 320 -3.65 5.64 5.28
C ASN A 320 -2.57 6.66 5.56
N ILE A 321 -2.09 6.70 6.81
CA ILE A 321 -1.08 7.67 7.19
C ILE A 321 0.27 7.29 6.61
N ILE A 322 0.65 6.02 6.75
CA ILE A 322 1.86 5.50 6.12
C ILE A 322 1.87 5.83 4.63
N GLY A 323 0.73 5.63 3.96
CA GLY A 323 0.69 5.85 2.52
C GLY A 323 0.98 7.29 2.15
N ALA A 324 0.36 8.23 2.88
CA ALA A 324 0.54 9.63 2.53
C ALA A 324 1.97 10.08 2.77
N LEU A 325 2.57 9.60 3.84
CA LEU A 325 3.95 9.97 4.14
C LEU A 325 4.91 9.26 3.18
N PHE A 326 4.63 8.01 2.83
CA PHE A 326 5.53 7.26 1.96
C PHE A 326 5.56 7.87 0.57
N LEU A 327 4.41 8.27 0.05
CA LEU A 327 4.37 8.91 -1.25
C LEU A 327 5.07 10.26 -1.25
N ALA A 328 4.91 11.04 -0.17
CA ALA A 328 5.52 12.36 -0.11
C ALA A 328 7.04 12.27 -0.02
N THR A 329 7.56 11.23 0.62
CA THR A 329 8.99 11.15 0.89
C THR A 329 9.70 10.11 0.03
N GLY A 330 9.02 9.49 -0.93
CA GLY A 330 9.66 8.58 -1.87
C GLY A 330 9.96 7.19 -1.36
N GLN A 331 9.24 6.71 -0.36
CA GLN A 331 9.39 5.32 0.02
C GLN A 331 8.68 4.44 -1.02
N ASP A 332 8.89 3.13 -0.92
CA ASP A 332 8.26 2.21 -1.86
C ASP A 332 6.76 2.09 -1.59
N GLU A 333 5.94 2.31 -2.62
CA GLU A 333 4.50 2.28 -2.40
C GLU A 333 4.04 0.92 -1.93
N ALA A 334 4.66 -0.16 -2.40
CA ALA A 334 4.18 -1.48 -2.01
C ALA A 334 4.45 -1.78 -0.53
N HIS A 335 5.32 -1.02 0.12
CA HIS A 335 5.61 -1.24 1.54
C HIS A 335 4.51 -0.70 2.46
N ILE A 336 3.53 0.02 1.91
CA ILE A 336 2.34 0.33 2.70
C ILE A 336 1.71 -0.95 3.23
N VAL A 337 1.86 -2.07 2.50
CA VAL A 337 1.36 -3.36 2.97
C VAL A 337 1.97 -3.69 4.32
N GLU A 338 3.28 -3.53 4.43
CA GLU A 338 3.98 -3.91 5.64
C GLU A 338 3.63 -2.98 6.79
N GLY A 339 3.49 -1.67 6.51
CA GLY A 339 3.16 -0.68 7.54
C GLY A 339 1.74 -0.74 8.05
N SER A 340 0.85 -1.41 7.34
CA SER A 340 -0.52 -1.55 7.83
C SER A 340 -0.62 -2.52 9.00
N LEU A 341 0.44 -3.26 9.31
CA LEU A 341 0.44 -4.17 10.45
C LEU A 341 0.69 -3.42 11.75
N GLY A 342 0.11 -3.92 12.83
CA GLY A 342 0.35 -3.31 14.12
C GLY A 342 -0.86 -3.25 15.02
N ILE A 343 -0.66 -2.74 16.24
CA ILE A 343 -1.63 -2.78 17.32
C ILE A 343 -1.70 -1.42 17.98
N THR A 344 -2.91 -0.90 18.13
CA THR A 344 -3.18 0.31 18.88
C THR A 344 -3.72 -0.05 20.26
N VAL A 345 -3.12 0.52 21.30
CA VAL A 345 -3.51 0.27 22.68
C VAL A 345 -4.01 1.57 23.30
N ALA A 346 -5.19 1.52 23.88
CA ALA A 346 -5.77 2.64 24.62
C ALA A 346 -6.29 2.11 25.94
N GLU A 347 -5.83 2.70 27.04
CA GLU A 347 -6.08 2.15 28.36
C GLU A 347 -6.42 3.26 29.34
N CYS A 348 -7.45 3.02 30.15
CA CYS A 348 -7.79 3.97 31.19
C CYS A 348 -6.69 3.97 32.26
N THR A 349 -6.17 5.16 32.57
CA THR A 349 -5.25 5.32 33.67
C THR A 349 -5.91 6.18 34.74
N GLU A 350 -5.37 6.09 35.95
CA GLU A 350 -5.87 6.89 37.06
C GLU A 350 -5.96 8.36 36.69
N ASP A 351 -5.01 8.86 35.89
CA ASP A 351 -4.91 10.28 35.59
C ASP A 351 -5.38 10.62 34.18
N GLY A 352 -6.03 9.68 33.47
CA GLY A 352 -6.49 9.95 32.12
C GLY A 352 -6.57 8.73 31.23
N VAL A 353 -5.82 8.76 30.13
CA VAL A 353 -5.72 7.61 29.24
C VAL A 353 -4.27 7.42 28.80
N TYR A 354 -3.88 6.17 28.59
CA TYR A 354 -2.65 5.83 27.89
C TYR A 354 -2.98 5.36 26.48
N PHE A 355 -2.29 5.91 25.49
CA PHE A 355 -2.60 5.65 24.09
C PHE A 355 -1.31 5.43 23.30
N SER A 356 -1.17 4.28 22.63
CA SER A 356 0.05 3.96 21.90
C SER A 356 -0.25 3.18 20.62
N VAL A 357 0.67 3.31 19.66
CA VAL A 357 0.66 2.54 18.43
C VAL A 357 1.95 1.73 18.33
N THR A 358 1.85 0.53 17.79
CA THR A 358 2.98 -0.34 17.59
C THR A 358 3.00 -0.78 16.13
N LEU A 359 4.07 -0.44 15.42
CA LEU A 359 4.23 -0.78 14.01
C LEU A 359 5.48 -1.60 13.86
N PRO A 360 5.41 -2.92 13.85
CA PRO A 360 6.62 -3.75 13.87
C PRO A 360 7.33 -3.87 12.54
N ASP A 361 6.79 -3.29 11.46
CA ASP A 361 7.19 -3.66 10.09
C ASP A 361 7.07 -2.43 9.18
N VAL A 362 8.04 -1.52 9.31
CA VAL A 362 8.01 -0.25 8.57
C VAL A 362 9.32 -0.06 7.80
N PRO A 363 9.41 -0.50 6.54
CA PRO A 363 10.64 -0.35 5.75
C PRO A 363 10.76 1.05 5.19
N VAL A 364 11.73 1.81 5.70
CA VAL A 364 11.97 3.17 5.24
C VAL A 364 13.46 3.36 4.97
N GLY A 365 13.75 4.40 4.21
CA GLY A 365 15.12 4.78 3.92
C GLY A 365 15.15 6.26 3.61
N THR A 366 16.31 6.88 3.83
CA THR A 366 16.50 8.29 3.53
C THR A 366 17.51 8.55 2.42
N VAL A 367 18.12 7.51 1.86
CA VAL A 367 18.88 7.62 0.64
C VAL A 367 18.45 6.48 -0.28
N GLY A 368 18.78 6.61 -1.56
CA GLY A 368 18.46 5.57 -2.52
C GLY A 368 16.96 5.36 -2.73
N GLY A 369 16.66 4.46 -3.67
CA GLY A 369 15.28 4.18 -4.03
C GLY A 369 14.60 5.42 -4.60
N GLY A 370 13.39 5.68 -4.13
CA GLY A 370 12.64 6.83 -4.59
C GLY A 370 12.97 8.13 -3.88
N THR A 371 13.72 8.08 -2.77
CA THR A 371 14.11 9.31 -2.10
C THR A 371 14.89 10.22 -3.02
N ARG A 372 15.42 9.67 -4.10
CA ARG A 372 16.23 10.45 -5.05
C ARG A 372 15.38 11.41 -5.88
N VAL A 373 14.12 11.05 -6.13
CA VAL A 373 13.24 11.88 -6.95
C VAL A 373 13.06 13.23 -6.29
N GLU A 374 13.13 14.28 -7.11
CA GLU A 374 13.38 15.62 -6.59
C GLU A 374 12.27 16.10 -5.66
N THR A 375 11.01 15.93 -6.06
CA THR A 375 9.92 16.41 -5.22
C THR A 375 9.91 15.68 -3.88
N GLN A 376 10.21 14.39 -3.89
CA GLN A 376 10.23 13.61 -2.65
C GLN A 376 11.43 13.98 -1.78
N LYS A 377 12.57 14.26 -2.41
CA LYS A 377 13.75 14.71 -1.67
C LYS A 377 13.46 16.00 -0.90
N GLU A 378 12.82 16.97 -1.57
CA GLU A 378 12.46 18.22 -0.89
C GLU A 378 11.57 17.95 0.31
N CYS A 379 10.69 16.95 0.23
CA CYS A 379 9.83 16.62 1.36
C CYS A 379 10.62 16.02 2.51
N LEU A 380 11.69 15.28 2.22
CA LEU A 380 12.55 14.83 3.29
C LEU A 380 13.31 16.01 3.89
N GLU A 381 13.71 16.96 3.05
CA GLU A 381 14.39 18.16 3.52
C GLU A 381 13.50 18.97 4.46
N LEU A 382 12.21 19.09 4.15
CA LEU A 382 11.31 19.78 5.06
C LEU A 382 11.26 19.13 6.43
N LEU A 383 11.60 17.84 6.52
CA LEU A 383 11.73 17.16 7.80
C LEU A 383 13.15 17.17 8.34
N GLY A 384 14.11 17.66 7.58
CA GLY A 384 15.52 17.49 7.92
C GLY A 384 15.97 16.04 7.93
N CYS A 385 15.43 15.22 7.01
CA CYS A 385 15.65 13.77 7.02
C CYS A 385 16.22 13.26 5.71
N HIS A 386 16.80 14.10 4.90
CA HIS A 386 17.46 13.62 3.70
C HIS A 386 18.93 13.37 3.99
N GLY A 387 19.38 12.16 3.66
CA GLY A 387 20.79 11.83 3.71
C GLY A 387 21.12 10.86 4.82
N GLY A 388 22.43 10.72 5.05
CA GLY A 388 22.92 9.75 5.99
C GLY A 388 22.70 10.17 7.43
N ASP A 389 22.58 9.16 8.29
CA ASP A 389 22.35 9.35 9.72
C ASP A 389 21.00 10.00 10.00
N LYS A 390 19.98 9.64 9.23
CA LYS A 390 18.66 10.22 9.42
C LYS A 390 17.51 9.24 9.27
N ALA A 391 17.78 7.98 8.95
CA ALA A 391 16.71 7.01 8.80
C ALA A 391 15.98 6.78 10.13
N LEU A 392 16.72 6.77 11.24
CA LEU A 392 16.08 6.59 12.54
C LEU A 392 15.28 7.82 12.94
N LYS A 393 15.77 9.02 12.62
CA LYS A 393 14.96 10.22 12.82
C LYS A 393 13.66 10.12 12.03
N PHE A 394 13.76 9.69 10.77
CA PHE A 394 12.58 9.59 9.92
C PHE A 394 11.60 8.56 10.47
N ALA A 395 12.11 7.43 10.96
CA ALA A 395 11.22 6.43 11.54
C ALA A 395 10.48 6.98 12.74
N GLU A 396 11.17 7.72 13.61
CA GLU A 396 10.50 8.29 14.78
C GLU A 396 9.42 9.29 14.36
N ILE A 397 9.66 10.05 13.28
CA ILE A 397 8.64 10.96 12.75
C ILE A 397 7.45 10.17 12.20
N VAL A 398 7.72 9.06 11.51
CA VAL A 398 6.65 8.22 11.00
C VAL A 398 5.74 7.76 12.14
N GLY A 399 6.34 7.24 13.21
CA GLY A 399 5.52 6.75 14.31
C GLY A 399 4.72 7.84 15.00
N ALA A 400 5.34 9.01 15.20
CA ALA A 400 4.61 10.10 15.83
C ALA A 400 3.44 10.57 14.97
N THR A 401 3.62 10.56 13.64
CA THR A 401 2.54 10.96 12.76
C THR A 401 1.40 9.95 12.78
N VAL A 402 1.73 8.66 12.82
CA VAL A 402 0.70 7.62 12.86
C VAL A 402 -0.10 7.73 14.15
N LEU A 403 0.58 7.95 15.26
CA LEU A 403 -0.13 8.12 16.53
C LEU A 403 -1.05 9.33 16.46
N ALA A 404 -0.53 10.46 15.96
CA ALA A 404 -1.33 11.68 15.89
C ALA A 404 -2.62 11.45 15.13
N GLY A 405 -2.53 10.75 13.99
CA GLY A 405 -3.71 10.50 13.17
C GLY A 405 -4.60 9.42 13.72
N GLU A 406 -3.97 8.38 14.29
CA GLU A 406 -4.73 7.32 14.94
C GLU A 406 -5.46 7.86 16.17
N LEU A 407 -4.85 8.83 16.86
CA LEU A 407 -5.54 9.46 17.97
C LEU A 407 -6.68 10.34 17.49
N SER A 408 -6.45 11.08 16.41
CA SER A 408 -7.51 11.91 15.85
C SER A 408 -8.73 11.05 15.45
N LEU A 409 -8.50 9.96 14.72
CA LEU A 409 -9.63 9.15 14.28
C LEU A 409 -10.36 8.53 15.47
N ILE A 410 -9.65 7.84 16.35
CA ILE A 410 -10.30 7.15 17.46
C ILE A 410 -11.04 8.14 18.36
N GLY A 411 -10.44 9.31 18.60
CA GLY A 411 -11.13 10.31 19.40
C GLY A 411 -12.41 10.79 18.73
N ALA A 412 -12.37 10.99 17.41
CA ALA A 412 -13.56 11.40 16.69
C ALA A 412 -14.64 10.32 16.73
N LEU A 413 -14.23 9.04 16.72
CA LEU A 413 -15.23 7.97 16.80
C LEU A 413 -15.82 7.88 18.20
N SER A 414 -15.03 8.16 19.24
CA SER A 414 -15.56 8.07 20.59
C SER A 414 -16.56 9.19 20.86
N VAL A 415 -16.45 10.32 20.16
CA VAL A 415 -17.44 11.40 20.31
C VAL A 415 -18.81 10.91 19.85
N GLY A 416 -18.89 10.40 18.61
CA GLY A 416 -20.13 9.82 18.15
C GLY A 416 -20.62 8.71 19.05
N HIS A 417 -19.69 7.91 19.58
CA HIS A 417 -20.04 6.82 20.49
C HIS A 417 -20.82 7.34 21.70
N LEU A 418 -20.28 8.35 22.38
CA LEU A 418 -20.94 8.87 23.58
C LEU A 418 -22.32 9.47 23.24
N ALA A 419 -22.40 10.25 22.17
CA ALA A 419 -23.64 10.92 21.81
C ALA A 419 -24.76 9.90 21.61
N ARG A 420 -24.52 8.88 20.77
CA ARG A 420 -25.56 7.91 20.49
C ARG A 420 -25.93 7.09 21.73
N ALA A 421 -24.98 6.89 22.65
CA ALA A 421 -25.30 6.27 23.93
C ALA A 421 -26.28 7.11 24.74
N HIS A 422 -26.27 8.43 24.53
CA HIS A 422 -27.25 9.32 25.14
C HIS A 422 -28.31 9.77 24.14
N ASN B 27 2.78 39.47 3.84
CA ASN B 27 3.86 39.25 4.80
C ASN B 27 3.39 39.42 6.24
N GLU B 28 2.49 40.39 6.46
CA GLU B 28 1.89 40.53 7.78
C GLU B 28 1.12 39.27 8.15
N ILE B 29 0.46 38.66 7.17
CA ILE B 29 -0.21 37.38 7.41
C ILE B 29 0.82 36.33 7.77
N LEU B 30 1.94 36.30 7.04
CA LEU B 30 3.00 35.36 7.34
C LEU B 30 3.47 35.50 8.79
N GLU B 31 3.62 36.73 9.28
CA GLU B 31 4.04 36.91 10.67
C GLU B 31 2.97 36.45 11.64
N LYS B 32 1.69 36.68 11.33
CA LYS B 32 0.63 36.16 12.17
C LYS B 32 0.62 34.63 12.16
N LEU B 33 1.08 34.02 11.07
CA LEU B 33 1.25 32.57 11.04
C LEU B 33 2.39 32.14 11.95
N LEU B 34 3.47 32.91 11.97
CA LEU B 34 4.59 32.58 12.84
C LEU B 34 4.23 32.76 14.30
N LYS B 35 3.48 33.82 14.63
CA LYS B 35 3.02 34.01 16.00
C LYS B 35 1.78 33.18 16.33
N LYS B 36 1.21 32.51 15.34
CA LYS B 36 0.06 31.63 15.52
C LYS B 36 -1.18 32.36 16.02
N GLU B 37 -1.33 33.65 15.64
CA GLU B 37 -2.62 34.30 15.78
C GLU B 37 -3.63 33.72 14.79
N ILE B 38 -3.17 33.33 13.60
CA ILE B 38 -3.99 32.70 12.59
C ILE B 38 -3.38 31.35 12.26
N LYS B 39 -4.23 30.40 11.96
CA LYS B 39 -3.76 29.05 11.65
C LYS B 39 -3.77 28.82 10.15
N PRO B 40 -2.96 27.86 9.66
CA PRO B 40 -2.98 27.58 8.21
C PRO B 40 -4.34 27.14 7.69
N TYR B 41 -5.17 26.50 8.52
CA TYR B 41 -6.43 25.95 8.02
C TYR B 41 -7.41 27.05 7.63
N GLN B 42 -7.49 28.11 8.42
CA GLN B 42 -8.46 29.18 8.17
C GLN B 42 -7.98 30.16 7.11
N LEU B 43 -6.82 29.91 6.50
CA LEU B 43 -6.21 30.90 5.62
C LEU B 43 -6.99 31.10 4.33
N ASP B 44 -7.69 30.07 3.83
CA ASP B 44 -8.31 30.14 2.51
C ASP B 44 -9.43 31.19 2.43
N ASP B 45 -10.03 31.58 3.57
CA ASP B 45 -11.08 32.59 3.54
C ASP B 45 -10.52 34.00 3.58
N LEU B 46 -9.33 34.18 4.16
CA LEU B 46 -8.68 35.49 4.21
C LEU B 46 -8.00 35.87 2.89
N VAL B 47 -7.49 34.88 2.13
CA VAL B 47 -6.78 35.12 0.88
C VAL B 47 -7.32 34.15 -0.17
N GLY B 48 -7.01 34.45 -1.43
CA GLY B 48 -7.26 33.52 -2.51
C GLY B 48 -6.62 32.16 -2.29
N GLU B 49 -7.20 31.11 -2.87
CA GLU B 49 -6.68 29.76 -2.69
C GLU B 49 -5.35 29.55 -3.39
N LYS B 50 -5.14 30.20 -4.53
CA LYS B 50 -3.85 30.12 -5.22
C LYS B 50 -2.72 30.62 -4.34
N GLU B 51 -2.88 31.82 -3.79
CA GLU B 51 -1.86 32.37 -2.90
C GLU B 51 -1.86 31.67 -1.55
N ALA B 52 -2.99 31.09 -1.15
CA ALA B 52 -3.01 30.27 0.06
C ALA B 52 -1.96 29.18 0.02
N ILE B 53 -1.77 28.57 -1.15
CA ILE B 53 -0.77 27.51 -1.29
C ILE B 53 0.63 28.07 -1.18
N GLU B 54 0.87 29.27 -1.73
CA GLU B 54 2.19 29.89 -1.66
C GLU B 54 2.52 30.34 -0.24
N LEU B 55 1.53 30.90 0.45
CA LEU B 55 1.74 31.30 1.85
C LEU B 55 2.09 30.08 2.69
N ARG B 56 1.32 29.00 2.56
CA ARG B 56 1.60 27.79 3.32
C ARG B 56 2.97 27.23 2.93
N ARG B 57 3.32 27.24 1.64
CA ARG B 57 4.60 26.71 1.22
C ARG B 57 5.74 27.53 1.82
N LYS B 58 5.63 28.86 1.79
CA LYS B 58 6.68 29.71 2.38
C LYS B 58 6.65 29.67 3.89
N TYR B 59 5.48 29.52 4.50
CA TYR B 59 5.42 29.41 5.96
C TYR B 59 6.22 28.19 6.43
N ILE B 60 5.98 27.02 5.85
CA ILE B 60 6.71 25.83 6.30
C ILE B 60 8.16 25.87 5.84
N GLU B 61 8.48 26.57 4.75
CA GLU B 61 9.87 26.77 4.36
C GLU B 61 10.63 27.57 5.42
N LYS B 62 10.06 28.67 5.89
CA LYS B 62 10.73 29.48 6.89
C LYS B 62 10.95 28.71 8.18
N ILE B 63 9.98 27.88 8.57
CA ILE B 63 10.12 27.09 9.81
C ILE B 63 11.23 26.06 9.67
N SER B 64 11.33 25.42 8.51
CA SER B 64 12.35 24.40 8.29
C SER B 64 13.67 24.95 7.76
N GLN B 65 13.71 26.24 7.39
CA GLN B 65 14.94 26.88 6.91
C GLN B 65 15.47 26.20 5.64
N VAL B 66 14.57 25.84 4.73
CA VAL B 66 14.93 25.23 3.46
C VAL B 66 14.07 25.84 2.36
N GLU B 67 14.65 26.02 1.17
CA GLU B 67 13.93 26.51 0.00
C GLU B 67 13.63 25.38 -0.97
N THR B 68 12.44 25.42 -1.57
CA THR B 68 12.03 24.39 -2.52
C THR B 68 11.85 25.00 -3.90
N LYS B 69 12.06 24.18 -4.91
CA LYS B 69 11.86 24.58 -6.29
C LYS B 69 10.82 23.75 -7.02
N HIS B 70 10.63 22.48 -6.64
CA HIS B 70 9.83 21.56 -7.44
C HIS B 70 8.39 21.43 -6.97
N ILE B 71 8.15 21.24 -5.67
CA ILE B 71 6.78 20.99 -5.22
C ILE B 71 5.85 22.13 -5.60
N GLY B 72 6.37 23.32 -5.83
CA GLY B 72 5.60 24.46 -6.24
C GLY B 72 5.28 24.54 -7.71
N HIS B 73 5.79 23.61 -8.54
CA HIS B 73 5.58 23.65 -9.98
C HIS B 73 4.74 22.43 -10.39
N TYR B 74 3.46 22.68 -10.63
CA TYR B 74 2.48 21.65 -10.97
C TYR B 74 1.43 22.23 -11.90
N THR B 75 0.55 21.37 -12.42
CA THR B 75 -0.50 21.82 -13.33
C THR B 75 -1.91 21.44 -12.88
N ILE B 76 -2.06 20.60 -11.86
CA ILE B 76 -3.39 20.17 -11.44
C ILE B 76 -4.18 21.35 -10.87
N ASP B 77 -5.51 21.23 -10.90
CA ASP B 77 -6.40 22.30 -10.47
C ASP B 77 -6.38 22.38 -8.95
N GLU B 78 -5.84 23.48 -8.44
CA GLU B 78 -5.67 23.64 -7.00
C GLU B 78 -7.00 23.91 -6.31
N LYS B 79 -7.93 24.59 -6.96
CA LYS B 79 -9.23 24.90 -6.36
C LYS B 79 -10.02 23.61 -6.09
N GLU B 80 -10.08 22.72 -7.08
CA GLU B 80 -10.82 21.48 -6.90
C GLU B 80 -10.06 20.49 -6.03
N ALA B 81 -8.74 20.48 -6.13
CA ALA B 81 -7.96 19.58 -5.29
C ALA B 81 -8.18 19.88 -3.81
N MET B 82 -8.22 21.16 -3.45
CA MET B 82 -8.43 21.53 -2.04
C MET B 82 -9.81 21.08 -1.56
N LYS B 83 -10.79 21.06 -2.46
CA LYS B 83 -12.17 20.81 -2.06
C LYS B 83 -12.47 19.32 -1.95
N LYS B 84 -11.67 18.47 -2.60
CA LYS B 84 -12.00 17.05 -2.73
C LYS B 84 -10.86 16.09 -2.46
N ASN B 85 -9.60 16.53 -2.46
CA ASN B 85 -8.48 15.61 -2.51
C ASN B 85 -7.43 15.83 -1.43
N ILE B 86 -7.34 17.01 -0.81
CA ILE B 86 -6.22 17.35 0.05
C ILE B 86 -6.62 18.54 0.90
N GLU B 87 -5.93 18.72 2.02
CA GLU B 87 -6.01 19.92 2.84
C GLU B 87 -4.60 20.47 3.07
N ASN B 88 -4.53 21.76 3.44
CA ASN B 88 -3.25 22.44 3.69
C ASN B 88 -2.27 22.26 2.53
N MET B 89 -2.76 22.40 1.32
CA MET B 89 -1.94 22.13 0.15
C MET B 89 -0.79 23.14 0.07
N ILE B 90 0.42 22.61 -0.17
CA ILE B 90 1.60 23.43 -0.42
C ILE B 90 2.17 23.20 -1.80
N GLY B 91 1.65 22.24 -2.57
CA GLY B 91 2.17 21.93 -3.89
C GLY B 91 1.78 20.54 -4.32
N ALA B 92 2.68 19.89 -5.06
CA ALA B 92 2.43 18.56 -5.57
C ALA B 92 3.74 17.79 -5.65
N VAL B 93 3.63 16.50 -5.46
CA VAL B 93 4.72 15.56 -5.70
C VAL B 93 4.57 15.00 -7.10
N GLN B 94 5.69 14.68 -7.75
CA GLN B 94 5.71 14.11 -9.08
C GLN B 94 6.25 12.69 -9.04
N ILE B 95 5.50 11.75 -9.61
CA ILE B 95 5.87 10.34 -9.66
C ILE B 95 6.19 10.00 -11.11
N PRO B 96 7.35 9.41 -11.41
CA PRO B 96 7.63 9.07 -12.81
C PRO B 96 6.56 8.15 -13.37
N LEU B 97 6.16 8.40 -14.62
CA LEU B 97 5.09 7.65 -15.26
C LEU B 97 5.67 6.95 -16.48
N GLY B 98 5.53 5.62 -16.55
CA GLY B 98 5.92 4.87 -17.73
C GLY B 98 4.76 4.02 -18.19
N PHE B 99 4.98 3.10 -19.12
CA PHE B 99 3.91 2.20 -19.54
C PHE B 99 4.46 0.81 -19.86
N ALA B 100 3.55 -0.17 -19.86
CA ALA B 100 3.83 -1.54 -20.26
C ALA B 100 2.85 -1.96 -21.34
N GLY B 101 3.37 -2.56 -22.41
CA GLY B 101 2.53 -3.02 -23.49
C GLY B 101 3.31 -3.47 -24.70
N PRO B 102 2.61 -4.00 -25.72
CA PRO B 102 1.16 -4.16 -25.77
C PRO B 102 0.70 -5.35 -24.96
N LEU B 103 -0.52 -5.28 -24.44
CA LEU B 103 -1.10 -6.32 -23.58
C LEU B 103 -2.45 -6.75 -24.15
N LYS B 104 -2.49 -7.91 -24.78
CA LYS B 104 -3.73 -8.44 -25.31
C LYS B 104 -4.54 -9.08 -24.19
N ILE B 105 -5.80 -8.66 -24.07
CA ILE B 105 -6.69 -9.09 -23.00
C ILE B 105 -7.96 -9.69 -23.62
N ASN B 106 -8.33 -10.86 -23.14
CA ASN B 106 -9.55 -11.55 -23.55
C ASN B 106 -10.49 -11.57 -22.33
N GLY B 107 -11.24 -10.48 -22.18
CA GLY B 107 -12.14 -10.32 -21.06
C GLY B 107 -13.57 -10.14 -21.54
N LYS B 108 -14.47 -10.03 -20.57
CA LYS B 108 -15.86 -9.73 -20.87
C LYS B 108 -16.01 -8.26 -21.24
N TYR B 109 -15.18 -7.40 -20.67
CA TYR B 109 -15.27 -5.96 -20.87
C TYR B 109 -14.04 -5.35 -21.52
N ALA B 110 -12.89 -5.98 -21.37
CA ALA B 110 -11.66 -5.51 -21.99
C ALA B 110 -11.28 -6.49 -23.09
N ASN B 111 -11.24 -6.01 -24.34
CA ASN B 111 -10.80 -6.81 -25.47
C ASN B 111 -9.89 -6.00 -26.36
N GLY B 112 -8.82 -6.62 -26.81
CA GLY B 112 -7.83 -5.97 -27.63
C GLY B 112 -6.51 -5.80 -26.89
N GLU B 113 -5.64 -5.00 -27.48
CA GLU B 113 -4.32 -4.75 -26.93
C GLU B 113 -4.31 -3.42 -26.18
N PHE B 114 -3.76 -3.43 -24.97
CA PHE B 114 -3.67 -2.25 -24.15
C PHE B 114 -2.22 -1.92 -23.84
N TYR B 115 -1.95 -0.62 -23.74
CA TYR B 115 -0.71 -0.06 -23.22
C TYR B 115 -1.04 0.56 -21.86
N VAL B 116 -0.50 -0.03 -20.81
CA VAL B 116 -0.94 0.25 -19.44
C VAL B 116 0.01 1.25 -18.79
N PRO B 117 -0.48 2.37 -18.26
CA PRO B 117 0.41 3.30 -17.55
C PRO B 117 0.72 2.83 -16.13
N LEU B 118 1.96 3.09 -15.71
CA LEU B 118 2.47 2.61 -14.43
C LEU B 118 3.34 3.69 -13.82
N ALA B 119 3.00 4.14 -12.62
CA ALA B 119 3.75 5.19 -11.93
C ALA B 119 4.48 4.58 -10.76
N THR B 120 5.80 4.70 -10.74
CA THR B 120 6.55 4.11 -9.65
C THR B 120 7.90 4.80 -9.55
N THR B 121 8.52 4.62 -8.39
CA THR B 121 9.89 5.04 -8.15
C THR B 121 10.83 3.84 -8.07
N GLU B 122 10.32 2.63 -8.23
CA GLU B 122 11.15 1.44 -8.21
C GLU B 122 11.66 1.15 -9.61
N GLY B 123 12.99 1.13 -9.76
CA GLY B 123 13.58 0.76 -11.03
C GLY B 123 13.39 -0.73 -11.30
N ALA B 124 13.20 -1.05 -12.59
CA ALA B 124 13.05 -2.39 -13.13
C ALA B 124 11.62 -2.92 -13.01
N LEU B 125 10.74 -2.28 -12.26
CA LEU B 125 9.38 -2.79 -12.11
C LEU B 125 8.61 -2.69 -13.42
N VAL B 126 8.61 -1.50 -14.05
CA VAL B 126 7.90 -1.35 -15.32
C VAL B 126 8.49 -2.28 -16.37
N ALA B 127 9.81 -2.44 -16.40
CA ALA B 127 10.40 -3.31 -17.40
C ALA B 127 9.98 -4.76 -17.20
N SER B 128 9.86 -5.19 -15.94
CA SER B 128 9.44 -6.55 -15.66
C SER B 128 8.02 -6.80 -16.15
N VAL B 129 7.12 -5.84 -15.93
CA VAL B 129 5.76 -5.99 -16.43
C VAL B 129 5.74 -5.92 -17.95
N ASN B 130 6.47 -4.96 -18.51
CA ASN B 130 6.51 -4.84 -19.96
C ASN B 130 6.99 -6.12 -20.63
N ARG B 131 7.97 -6.78 -20.03
CA ARG B 131 8.42 -8.05 -20.57
C ARG B 131 7.31 -9.10 -20.49
N GLY B 132 6.57 -9.12 -19.38
CA GLY B 132 5.45 -10.04 -19.27
C GLY B 132 4.35 -9.77 -20.28
N CYS B 133 4.06 -8.48 -20.54
CA CYS B 133 3.01 -8.13 -21.49
C CYS B 133 3.34 -8.63 -22.88
N SER B 134 4.60 -8.54 -23.27
CA SER B 134 5.01 -8.94 -24.61
C SER B 134 4.89 -10.45 -24.80
N ILE B 135 5.29 -11.21 -23.77
CA ILE B 135 5.20 -12.68 -23.86
C ILE B 135 3.74 -13.11 -23.96
N VAL B 136 2.91 -12.56 -23.09
CA VAL B 136 1.50 -12.91 -23.04
C VAL B 136 0.81 -12.58 -24.35
N THR B 137 1.06 -11.39 -24.89
CA THR B 137 0.42 -10.98 -26.13
C THR B 137 0.82 -11.90 -27.29
N LYS B 138 2.09 -12.28 -27.37
CA LYS B 138 2.55 -13.20 -28.42
C LYS B 138 1.99 -14.60 -28.24
N CYS B 139 1.43 -14.94 -27.08
CA CYS B 139 0.88 -16.26 -26.83
C CYS B 139 -0.64 -16.26 -26.79
N GLY B 140 -1.29 -15.17 -27.18
CA GLY B 140 -2.73 -15.11 -27.31
C GLY B 140 -3.44 -14.19 -26.34
N GLY B 141 -2.75 -13.59 -25.37
CA GLY B 141 -3.40 -12.69 -24.43
C GLY B 141 -3.89 -13.42 -23.20
N VAL B 142 -4.39 -12.62 -22.24
CA VAL B 142 -4.79 -13.10 -20.92
C VAL B 142 -6.29 -13.21 -20.89
N THR B 143 -6.80 -14.35 -20.44
CA THR B 143 -8.21 -14.49 -20.14
C THR B 143 -8.42 -14.02 -18.71
N VAL B 144 -9.38 -13.11 -18.53
CA VAL B 144 -9.61 -12.48 -17.23
C VAL B 144 -11.10 -12.33 -17.02
N ARG B 145 -11.53 -12.45 -15.76
CA ARG B 145 -12.94 -12.26 -15.42
C ARG B 145 -13.03 -11.63 -14.05
N VAL B 146 -14.02 -10.76 -13.87
CA VAL B 146 -14.38 -10.25 -12.56
C VAL B 146 -15.33 -11.25 -11.91
N ILE B 147 -14.91 -11.80 -10.78
CA ILE B 147 -15.65 -12.84 -10.06
C ILE B 147 -16.74 -12.25 -9.18
N ASP B 148 -16.52 -11.05 -8.65
CA ASP B 148 -17.42 -10.40 -7.73
C ASP B 148 -17.09 -8.92 -7.72
N ASP B 149 -18.05 -8.13 -7.27
CA ASP B 149 -17.93 -6.67 -7.34
C ASP B 149 -18.81 -6.10 -6.24
N LYS B 150 -18.18 -5.62 -5.17
CA LYS B 150 -18.95 -5.12 -4.04
C LYS B 150 -18.05 -4.21 -3.21
N MET B 151 -18.69 -3.33 -2.43
CA MET B 151 -17.99 -2.56 -1.41
C MET B 151 -18.76 -2.73 -0.10
N THR B 152 -18.04 -2.77 1.01
CA THR B 152 -18.62 -3.16 2.28
C THR B 152 -18.28 -2.16 3.37
N ARG B 153 -19.15 -2.13 4.37
CA ARG B 153 -18.97 -1.37 5.59
C ARG B 153 -19.55 -2.21 6.72
N ALA B 154 -18.80 -2.37 7.81
CA ALA B 154 -19.17 -3.26 8.92
C ALA B 154 -19.14 -2.44 10.20
N PRO B 155 -20.26 -1.87 10.63
CA PRO B 155 -20.26 -1.18 11.91
C PRO B 155 -20.08 -2.16 13.04
N VAL B 156 -19.75 -1.60 14.21
CA VAL B 156 -19.81 -2.34 15.46
C VAL B 156 -20.94 -1.73 16.27
N ILE B 157 -21.90 -2.56 16.65
CA ILE B 157 -23.06 -2.15 17.42
C ILE B 157 -23.00 -2.81 18.79
N LYS B 158 -23.15 -2.00 19.84
CA LYS B 158 -23.23 -2.49 21.21
C LYS B 158 -24.67 -2.76 21.61
N THR B 159 -24.90 -3.92 22.20
CA THR B 159 -26.19 -4.27 22.79
C THR B 159 -25.98 -4.54 24.27
N GLU B 160 -27.10 -4.59 25.00
CA GLU B 160 -26.98 -4.77 26.44
C GLU B 160 -26.49 -6.17 26.80
N SER B 161 -26.86 -7.17 25.99
CA SER B 161 -26.54 -8.55 26.32
C SER B 161 -26.57 -9.39 25.05
N VAL B 162 -26.03 -10.60 25.17
CA VAL B 162 -26.04 -11.55 24.05
C VAL B 162 -27.46 -11.86 23.62
N ILE B 163 -28.41 -11.83 24.57
CA ILE B 163 -29.82 -12.06 24.23
C ILE B 163 -30.29 -11.03 23.21
N ASP B 164 -29.95 -9.76 23.43
CA ASP B 164 -30.32 -8.71 22.47
C ASP B 164 -29.52 -8.82 21.19
N ALA B 165 -28.24 -9.18 21.29
CA ALA B 165 -27.42 -9.33 20.10
C ALA B 165 -28.03 -10.33 19.14
N VAL B 166 -28.59 -11.42 19.66
CA VAL B 166 -29.28 -12.40 18.81
C VAL B 166 -30.53 -11.78 18.20
N LYS B 167 -31.35 -11.14 19.03
CA LYS B 167 -32.54 -10.45 18.52
C LYS B 167 -32.16 -9.42 17.47
N LEU B 168 -31.09 -8.66 17.71
CA LEU B 168 -30.64 -7.67 16.73
C LEU B 168 -30.28 -8.33 15.41
N LYS B 169 -29.49 -9.42 15.47
CA LYS B 169 -29.11 -10.12 14.25
C LYS B 169 -30.33 -10.64 13.49
N GLU B 170 -31.24 -11.33 14.20
CA GLU B 170 -32.40 -11.91 13.52
C GLU B 170 -33.34 -10.84 13.02
N TRP B 171 -33.42 -9.69 13.70
CA TRP B 171 -34.24 -8.61 13.21
C TRP B 171 -33.68 -8.04 11.90
N ILE B 172 -32.36 -7.88 11.83
CA ILE B 172 -31.74 -7.37 10.62
C ILE B 172 -32.08 -8.28 9.44
N LYS B 173 -31.91 -9.59 9.61
CA LYS B 173 -32.09 -10.49 8.49
C LYS B 173 -33.53 -10.53 8.02
N GLU B 174 -34.49 -10.38 8.92
CA GLU B 174 -35.89 -10.47 8.53
C GLU B 174 -36.46 -9.16 8.02
N ASN B 175 -35.78 -8.03 8.27
CA ASN B 175 -36.22 -6.72 7.80
C ASN B 175 -35.26 -6.12 6.76
N PHE B 176 -34.60 -6.98 5.99
CA PHE B 176 -33.59 -6.51 5.06
C PHE B 176 -34.17 -5.55 4.02
N GLN B 177 -35.34 -5.89 3.47
CA GLN B 177 -35.92 -5.03 2.44
C GLN B 177 -36.19 -3.63 2.99
N ARG B 178 -36.64 -3.55 4.25
CA ARG B 178 -36.83 -2.26 4.90
C ARG B 178 -35.50 -1.51 5.03
N ILE B 179 -34.43 -2.19 5.49
CA ILE B 179 -33.11 -1.55 5.59
C ILE B 179 -32.60 -1.12 4.21
N LYS B 180 -32.87 -1.94 3.19
CA LYS B 180 -32.39 -1.64 1.83
C LYS B 180 -33.01 -0.35 1.30
N GLU B 181 -34.30 -0.14 1.53
CA GLU B 181 -34.93 1.11 1.07
C GLU B 181 -34.36 2.30 1.81
N VAL B 182 -34.11 2.16 3.11
CA VAL B 182 -33.55 3.25 3.90
C VAL B 182 -32.13 3.60 3.44
N ALA B 183 -31.28 2.60 3.25
CA ALA B 183 -29.93 2.88 2.79
C ALA B 183 -29.93 3.52 1.40
N GLU B 184 -30.77 3.01 0.49
CA GLU B 184 -30.73 3.47 -0.89
C GLU B 184 -31.37 4.85 -1.08
N SER B 185 -32.14 5.33 -0.10
CA SER B 185 -32.70 6.67 -0.22
C SER B 185 -31.62 7.76 -0.12
N THR B 186 -30.39 7.40 0.23
CA THR B 186 -29.32 8.40 0.35
C THR B 186 -28.52 8.57 -0.93
N THR B 187 -28.74 7.75 -1.95
CA THR B 187 -27.88 7.83 -3.12
C THR B 187 -28.65 7.44 -4.37
N ARG B 188 -28.26 8.06 -5.48
CA ARG B 188 -28.71 7.65 -6.80
C ARG B 188 -27.90 6.50 -7.38
N HIS B 189 -26.79 6.12 -6.74
CA HIS B 189 -25.83 5.20 -7.34
C HIS B 189 -25.59 3.92 -6.55
N GLY B 190 -25.78 3.94 -5.24
CA GLY B 190 -25.56 2.75 -4.45
C GLY B 190 -26.77 1.84 -4.41
N LYS B 191 -26.51 0.55 -4.18
CA LYS B 191 -27.57 -0.43 -3.98
C LYS B 191 -27.12 -1.47 -2.96
N LEU B 192 -27.92 -1.63 -1.91
CA LEU B 192 -27.60 -2.58 -0.85
C LEU B 192 -28.04 -3.97 -1.28
N ILE B 193 -27.11 -4.90 -1.40
CA ILE B 193 -27.44 -6.24 -1.86
C ILE B 193 -27.40 -7.28 -0.75
N ASP B 194 -26.77 -7.01 0.38
CA ASP B 194 -26.71 -8.02 1.42
C ASP B 194 -26.21 -7.40 2.71
N ILE B 195 -26.48 -8.11 3.81
CA ILE B 195 -25.86 -7.85 5.11
C ILE B 195 -25.37 -9.21 5.60
N ASN B 196 -24.16 -9.57 5.22
CA ASN B 196 -23.65 -10.90 5.51
C ASN B 196 -22.12 -10.89 5.41
N PRO B 197 -21.43 -11.59 6.32
CA PRO B 197 -21.96 -12.24 7.53
C PRO B 197 -22.34 -11.22 8.60
N ILE B 198 -23.05 -11.66 9.64
CA ILE B 198 -23.30 -10.84 10.82
C ILE B 198 -22.60 -11.49 11.99
N LEU B 199 -21.50 -10.89 12.42
CA LEU B 199 -20.67 -11.43 13.46
C LEU B 199 -21.13 -10.91 14.81
N ILE B 200 -21.07 -11.79 15.81
CA ILE B 200 -21.36 -11.43 17.19
C ILE B 200 -20.18 -11.88 18.04
N VAL B 201 -19.64 -10.96 18.81
CA VAL B 201 -18.65 -11.28 19.84
C VAL B 201 -19.23 -10.75 21.13
N GLY B 202 -19.62 -11.67 22.01
CA GLY B 202 -20.25 -11.30 23.26
C GLY B 202 -21.56 -10.57 23.01
N ARG B 203 -21.60 -9.29 23.39
CA ARG B 203 -22.79 -8.47 23.19
C ARG B 203 -22.57 -7.41 22.11
N TYR B 204 -21.59 -7.61 21.23
CA TYR B 204 -21.28 -6.69 20.16
C TYR B 204 -21.56 -7.37 18.83
N VAL B 205 -22.12 -6.62 17.88
CA VAL B 205 -22.60 -7.15 16.62
C VAL B 205 -21.92 -6.40 15.48
N TYR B 206 -21.37 -7.14 14.52
CA TYR B 206 -20.63 -6.56 13.40
C TYR B 206 -21.35 -6.94 12.10
N PRO B 207 -22.31 -6.14 11.65
CA PRO B 207 -23.03 -6.49 10.40
C PRO B 207 -22.32 -6.00 9.17
N ARG B 208 -21.98 -6.89 8.25
CA ARG B 208 -21.23 -6.50 7.04
C ARG B 208 -22.23 -6.08 5.97
N PHE B 209 -22.43 -4.77 5.82
CA PHE B 209 -23.30 -4.27 4.76
C PHE B 209 -22.56 -4.37 3.44
N VAL B 210 -23.24 -4.92 2.43
CA VAL B 210 -22.65 -5.20 1.11
C VAL B 210 -23.40 -4.38 0.06
N TYR B 211 -22.65 -3.55 -0.66
CA TYR B 211 -23.21 -2.62 -1.62
C TYR B 211 -22.68 -2.87 -3.02
N LYS B 212 -23.53 -2.64 -4.01
CA LYS B 212 -23.08 -2.31 -5.36
C LYS B 212 -22.87 -0.81 -5.44
N THR B 213 -21.80 -0.39 -6.11
CA THR B 213 -21.42 1.02 -6.13
C THR B 213 -21.29 1.57 -7.54
N GLY B 214 -21.69 0.81 -8.55
CA GLY B 214 -21.47 1.27 -9.91
C GLY B 214 -19.97 1.37 -10.16
N ASP B 215 -19.54 2.51 -10.69
CA ASP B 215 -18.14 2.71 -11.07
C ASP B 215 -17.33 3.47 -10.04
N ALA B 216 -17.95 3.93 -8.96
CA ALA B 216 -17.18 4.53 -7.88
C ALA B 216 -16.59 3.43 -7.02
N MET B 217 -15.48 3.72 -6.35
CA MET B 217 -14.97 2.78 -5.36
C MET B 217 -15.99 2.62 -4.23
N GLY B 218 -16.66 3.71 -3.86
CA GLY B 218 -17.84 3.63 -3.01
C GLY B 218 -17.65 3.98 -1.56
N MET B 219 -16.44 4.37 -1.13
CA MET B 219 -16.17 4.64 0.28
C MET B 219 -17.21 5.59 0.87
N ASN B 220 -17.37 6.77 0.25
CA ASN B 220 -18.23 7.79 0.84
C ASN B 220 -19.70 7.39 0.74
N MET B 221 -20.08 6.74 -0.35
CA MET B 221 -21.47 6.34 -0.52
C MET B 221 -21.87 5.28 0.50
N VAL B 222 -21.00 4.29 0.77
CA VAL B 222 -21.39 3.22 1.68
C VAL B 222 -21.39 3.70 3.13
N THR B 223 -20.59 4.73 3.46
CA THR B 223 -20.65 5.29 4.81
C THR B 223 -21.96 6.03 5.03
N ILE B 224 -22.42 6.80 4.04
CA ILE B 224 -23.66 7.56 4.20
C ILE B 224 -24.87 6.63 4.19
N ALA B 225 -24.88 5.65 3.27
CA ALA B 225 -26.00 4.73 3.22
C ALA B 225 -26.07 3.89 4.50
N THR B 226 -24.91 3.50 5.04
CA THR B 226 -24.91 2.64 6.23
C THR B 226 -25.27 3.42 7.48
N GLU B 227 -24.87 4.70 7.55
CA GLU B 227 -25.22 5.51 8.71
C GLU B 227 -26.73 5.63 8.85
N LYS B 228 -27.42 5.94 7.74
CA LYS B 228 -28.87 6.03 7.79
C LYS B 228 -29.49 4.68 8.09
N ALA B 229 -28.90 3.61 7.55
CA ALA B 229 -29.40 2.27 7.84
C ALA B 229 -29.30 1.98 9.33
N CYS B 230 -28.18 2.36 9.97
CA CYS B 230 -28.00 2.08 11.39
C CYS B 230 -28.89 2.94 12.27
N ASN B 231 -29.05 4.23 11.92
CA ASN B 231 -29.99 5.07 12.65
C ASN B 231 -31.40 4.48 12.62
N PHE B 232 -31.78 3.88 11.49
CA PHE B 232 -33.11 3.29 11.33
C PHE B 232 -33.23 2.00 12.14
N ILE B 233 -32.20 1.15 12.12
CA ILE B 233 -32.22 -0.08 12.93
C ILE B 233 -32.32 0.27 14.40
N GLU B 234 -31.54 1.25 14.84
CA GLU B 234 -31.56 1.64 16.25
C GLU B 234 -32.97 2.08 16.66
N GLU B 235 -33.64 2.87 15.81
CA GLU B 235 -34.97 3.35 16.18
C GLU B 235 -36.00 2.24 16.15
N GLU B 236 -35.95 1.37 15.14
CA GLU B 236 -36.93 0.29 15.03
C GLU B 236 -36.81 -0.69 16.17
N LEU B 237 -35.58 -1.01 16.58
CA LEU B 237 -35.36 -1.89 17.71
C LEU B 237 -35.79 -1.24 19.03
N LYS B 238 -35.61 0.07 19.15
CA LYS B 238 -36.09 0.77 20.34
C LYS B 238 -37.60 0.64 20.51
N LYS B 239 -38.37 0.60 19.41
CA LYS B 239 -39.81 0.43 19.49
C LYS B 239 -40.19 -0.94 20.05
N GLU B 240 -39.33 -1.94 19.84
CA GLU B 240 -39.54 -3.29 20.35
C GLU B 240 -38.90 -3.51 21.72
N ASN B 241 -38.58 -2.43 22.42
CA ASN B 241 -38.00 -2.50 23.76
C ASN B 241 -36.64 -3.22 23.72
N ILE B 242 -35.79 -2.83 22.77
CA ILE B 242 -34.41 -3.32 22.69
C ILE B 242 -33.49 -2.14 22.40
N ASN B 243 -32.61 -1.83 23.34
CA ASN B 243 -31.74 -0.66 23.23
C ASN B 243 -30.37 -1.08 22.68
N ILE B 244 -30.01 -0.51 21.54
CA ILE B 244 -28.71 -0.70 20.91
C ILE B 244 -28.17 0.68 20.56
N HIS B 245 -26.90 0.74 20.23
CA HIS B 245 -26.37 1.95 19.61
C HIS B 245 -25.09 1.62 18.89
N THR B 246 -24.89 2.26 17.75
CA THR B 246 -23.70 2.03 16.96
C THR B 246 -22.52 2.74 17.59
N VAL B 247 -21.47 1.97 17.86
CA VAL B 247 -20.25 2.54 18.43
C VAL B 247 -19.45 3.24 17.35
N ALA B 248 -19.39 2.65 16.16
CA ALA B 248 -18.63 3.23 15.06
C ALA B 248 -19.10 2.59 13.77
N LEU B 249 -19.21 3.39 12.71
CA LEU B 249 -19.62 2.87 11.42
C LEU B 249 -18.58 1.94 10.80
N SER B 250 -17.32 2.07 11.18
CA SER B 250 -16.29 1.13 10.74
C SER B 250 -15.82 0.39 11.99
N GLY B 251 -16.25 -0.86 12.12
CA GLY B 251 -15.94 -1.67 13.28
C GLY B 251 -14.74 -2.58 13.05
N ASN B 252 -13.98 -2.30 11.99
CA ASN B 252 -12.80 -3.08 11.59
C ASN B 252 -13.15 -4.48 11.12
N ALA B 253 -14.42 -4.73 10.77
CA ALA B 253 -14.80 -5.96 10.10
C ALA B 253 -15.13 -5.74 8.62
N CYS B 254 -14.82 -4.56 8.09
CA CYS B 254 -15.21 -4.21 6.71
C CYS B 254 -14.63 -5.21 5.70
N VAL B 255 -13.30 -5.45 5.65
CA VAL B 255 -12.23 -4.72 6.34
C VAL B 255 -11.61 -3.77 5.35
N ASP B 256 -11.21 -2.59 5.81
CA ASP B 256 -10.75 -1.52 4.94
C ASP B 256 -9.30 -1.19 5.26
N LYS B 257 -8.42 -1.32 4.25
CA LYS B 257 -7.04 -0.86 4.35
C LYS B 257 -6.25 -1.60 5.43
N LYS B 258 -6.60 -2.87 5.65
CA LYS B 258 -5.83 -3.77 6.48
C LYS B 258 -5.94 -5.14 5.85
N PRO B 259 -4.95 -6.01 6.07
CA PRO B 259 -5.00 -7.37 5.48
C PRO B 259 -5.86 -8.27 6.36
N ALA B 260 -6.87 -8.91 5.75
CA ALA B 260 -7.79 -9.67 6.58
C ALA B 260 -8.32 -10.90 5.88
N GLY B 261 -8.47 -11.97 6.67
CA GLY B 261 -9.04 -13.20 6.15
C GLY B 261 -10.45 -13.01 5.60
N ILE B 262 -11.24 -12.12 6.23
CA ILE B 262 -12.61 -11.90 5.74
C ILE B 262 -12.58 -11.34 4.32
N ASN B 263 -11.59 -10.50 4.00
CA ASN B 263 -11.47 -9.98 2.64
C ASN B 263 -10.94 -11.06 1.69
N LEU B 264 -10.00 -11.87 2.16
CA LEU B 264 -9.46 -12.96 1.35
C LEU B 264 -10.55 -13.96 0.95
N ILE B 265 -11.51 -14.21 1.85
CA ILE B 265 -12.51 -15.27 1.70
C ILE B 265 -13.77 -14.73 1.03
N GLU B 266 -14.38 -13.71 1.65
CA GLU B 266 -15.62 -13.14 1.15
C GLU B 266 -15.38 -12.13 0.04
N GLY B 267 -14.17 -11.62 -0.10
CA GLY B 267 -13.86 -10.64 -1.11
C GLY B 267 -14.28 -9.22 -0.72
N ARG B 268 -13.68 -8.26 -1.42
CA ARG B 268 -14.06 -6.86 -1.28
C ARG B 268 -13.58 -6.12 -2.52
N GLY B 269 -14.25 -5.01 -2.81
CA GLY B 269 -14.00 -4.36 -4.10
C GLY B 269 -14.22 -5.35 -5.23
N LYS B 270 -13.33 -5.29 -6.22
CA LYS B 270 -13.39 -6.23 -7.33
C LYS B 270 -12.61 -7.49 -6.96
N SER B 271 -13.21 -8.66 -7.23
CA SER B 271 -12.51 -9.93 -7.16
C SER B 271 -12.23 -10.41 -8.59
N ILE B 272 -10.95 -10.57 -8.91
CA ILE B 272 -10.46 -10.73 -10.28
C ILE B 272 -9.65 -12.01 -10.39
N ILE B 273 -9.82 -12.73 -11.50
CA ILE B 273 -8.98 -13.88 -11.83
C ILE B 273 -8.55 -13.75 -13.28
N ALA B 274 -7.24 -13.89 -13.51
CA ALA B 274 -6.64 -13.86 -14.83
C ALA B 274 -5.82 -15.13 -15.04
N GLU B 275 -5.84 -15.66 -16.26
CA GLU B 275 -5.19 -16.93 -16.55
C GLU B 275 -4.61 -16.91 -17.97
N VAL B 276 -3.58 -17.72 -18.18
CA VAL B 276 -3.05 -18.01 -19.50
C VAL B 276 -2.66 -19.48 -19.55
N PHE B 277 -2.82 -20.05 -20.74
CA PHE B 277 -2.23 -21.33 -21.09
C PHE B 277 -1.08 -21.07 -22.04
N LEU B 278 0.07 -21.65 -21.73
CA LEU B 278 1.26 -21.50 -22.56
C LEU B 278 1.74 -22.87 -23.00
N LYS B 279 2.16 -22.96 -24.26
CA LYS B 279 2.73 -24.19 -24.76
C LYS B 279 4.17 -24.33 -24.31
N GLU B 280 4.65 -25.58 -24.25
CA GLU B 280 6.03 -25.80 -23.83
C GLU B 280 7.01 -25.04 -24.72
N GLU B 281 6.76 -25.05 -26.04
CA GLU B 281 7.67 -24.34 -26.94
C GLU B 281 7.63 -22.84 -26.75
N GLU B 282 6.49 -22.29 -26.32
CA GLU B 282 6.44 -20.85 -26.04
C GLU B 282 7.21 -20.52 -24.76
N ILE B 283 7.13 -21.40 -23.75
CA ILE B 283 7.88 -21.19 -22.52
C ILE B 283 9.38 -21.22 -22.81
N LYS B 284 9.84 -22.16 -23.64
CA LYS B 284 11.27 -22.21 -23.95
C LYS B 284 11.69 -20.99 -24.77
N LYS B 285 10.84 -20.57 -25.71
CA LYS B 285 11.20 -19.50 -26.63
C LYS B 285 11.14 -18.13 -25.97
N TYR B 286 10.08 -17.83 -25.21
CA TYR B 286 9.91 -16.49 -24.69
C TYR B 286 10.39 -16.37 -23.25
N LEU B 287 10.17 -17.38 -22.43
CA LEU B 287 10.60 -17.34 -21.05
C LEU B 287 11.95 -18.00 -20.81
N LYS B 288 12.48 -18.73 -21.78
CA LYS B 288 13.80 -19.35 -21.65
C LYS B 288 13.84 -20.33 -20.47
N THR B 289 12.76 -21.08 -20.29
CA THR B 289 12.69 -22.01 -19.17
C THR B 289 11.78 -23.17 -19.55
N THR B 290 11.29 -23.88 -18.54
CA THR B 290 10.38 -25.00 -18.74
C THR B 290 9.18 -24.85 -17.81
N SER B 291 8.13 -25.62 -18.10
CA SER B 291 6.91 -25.52 -17.31
C SER B 291 7.09 -26.14 -15.91
N LYS B 292 7.89 -27.21 -15.78
CA LYS B 292 8.10 -27.80 -14.46
C LYS B 292 8.88 -26.84 -13.55
N ALA B 293 9.85 -26.11 -14.11
CA ALA B 293 10.59 -25.13 -13.31
C ALA B 293 9.68 -24.03 -12.78
N ILE B 294 8.77 -23.51 -13.62
CA ILE B 294 7.83 -22.48 -13.21
C ILE B 294 6.92 -23.00 -12.11
N GLU B 295 6.44 -24.23 -12.26
CA GLU B 295 5.60 -24.84 -11.23
C GLU B 295 6.39 -25.05 -9.94
N GLN B 296 7.66 -25.45 -10.05
CA GLN B 296 8.47 -25.66 -8.85
C GLN B 296 8.74 -24.36 -8.12
N VAL B 297 9.10 -23.30 -8.86
CA VAL B 297 9.32 -21.99 -8.23
C VAL B 297 8.05 -21.53 -7.53
N ASN B 298 6.93 -21.57 -8.24
CA ASN B 298 5.68 -21.11 -7.65
C ASN B 298 5.37 -21.90 -6.38
N MET B 299 5.59 -23.21 -6.39
CA MET B 299 5.27 -24.02 -5.22
C MET B 299 6.19 -23.71 -4.04
N TYR B 300 7.51 -23.69 -4.27
CA TYR B 300 8.45 -23.52 -3.17
C TYR B 300 8.33 -22.12 -2.58
N LYS B 301 8.16 -21.12 -3.44
CA LYS B 301 8.12 -19.71 -3.03
C LYS B 301 6.69 -19.25 -2.71
N ASN B 302 5.82 -19.23 -3.72
CA ASN B 302 4.51 -18.60 -3.56
C ASN B 302 3.58 -19.40 -2.67
N LEU B 303 3.71 -20.72 -2.66
CA LEU B 303 2.79 -21.53 -1.87
C LEU B 303 3.43 -21.90 -0.53
N ILE B 304 4.48 -22.71 -0.56
CA ILE B 304 5.06 -23.20 0.69
C ILE B 304 5.71 -22.07 1.49
N GLY B 305 6.47 -21.20 0.81
CA GLY B 305 7.13 -20.11 1.52
C GLY B 305 6.16 -19.20 2.24
N SER B 306 5.03 -18.88 1.60
CA SER B 306 4.01 -18.08 2.26
C SER B 306 3.31 -18.84 3.38
N ALA B 307 3.15 -20.16 3.24
CA ALA B 307 2.52 -20.94 4.31
C ALA B 307 3.38 -20.94 5.58
N ILE B 308 4.69 -21.16 5.45
CA ILE B 308 5.52 -21.34 6.64
C ILE B 308 5.81 -20.02 7.35
N SER B 309 5.78 -18.90 6.62
CA SER B 309 5.92 -17.59 7.23
C SER B 309 4.58 -16.97 7.61
N ASN B 310 3.50 -17.78 7.56
CA ASN B 310 2.13 -17.35 7.91
C ASN B 310 1.74 -16.07 7.19
N SER B 311 1.91 -16.08 5.88
CA SER B 311 1.57 -14.94 5.04
C SER B 311 0.18 -15.09 4.44
N MET B 312 -0.44 -13.94 4.15
CA MET B 312 -1.71 -13.93 3.41
C MET B 312 -1.52 -13.65 1.92
N GLY B 313 -0.31 -13.37 1.48
CA GLY B 313 -0.05 -13.19 0.08
C GLY B 313 0.65 -14.40 -0.48
N PHE B 314 -0.08 -15.30 -1.14
CA PHE B 314 0.54 -16.48 -1.76
C PHE B 314 0.94 -16.13 -3.19
N ASN B 315 1.73 -15.06 -3.28
CA ASN B 315 2.10 -14.48 -4.55
C ASN B 315 3.45 -13.81 -4.39
N ALA B 316 4.01 -13.39 -5.53
CA ALA B 316 5.32 -12.76 -5.58
C ALA B 316 5.25 -11.24 -5.68
N HIS B 317 4.36 -10.72 -6.51
CA HIS B 317 4.51 -9.36 -7.01
C HIS B 317 3.23 -8.52 -7.07
N TYR B 318 2.12 -8.97 -6.49
CA TYR B 318 0.85 -8.25 -6.70
C TYR B 318 0.94 -6.81 -6.20
N ALA B 319 1.40 -6.63 -4.96
CA ALA B 319 1.44 -5.29 -4.37
C ALA B 319 2.25 -4.33 -5.23
N ASN B 320 3.34 -4.79 -5.83
CA ASN B 320 4.15 -3.89 -6.64
C ASN B 320 3.38 -3.43 -7.88
N ILE B 321 2.71 -4.38 -8.54
CA ILE B 321 1.99 -4.08 -9.76
C ILE B 321 0.72 -3.30 -9.44
N ILE B 322 -0.05 -3.76 -8.44
CA ILE B 322 -1.19 -3.00 -7.96
C ILE B 322 -0.76 -1.57 -7.63
N GLY B 323 0.36 -1.45 -6.92
CA GLY B 323 0.79 -0.14 -6.47
C GLY B 323 1.09 0.80 -7.61
N ALA B 324 1.77 0.32 -8.64
CA ALA B 324 2.16 1.17 -9.76
C ALA B 324 0.94 1.60 -10.54
N LEU B 325 0.00 0.69 -10.72
CA LEU B 325 -1.19 1.00 -11.49
C LEU B 325 -2.13 1.89 -10.71
N PHE B 326 -2.20 1.72 -9.39
CA PHE B 326 -3.09 2.53 -8.55
C PHE B 326 -2.62 3.98 -8.50
N LEU B 327 -1.31 4.21 -8.40
CA LEU B 327 -0.78 5.57 -8.33
C LEU B 327 -1.00 6.32 -9.64
N ALA B 328 -0.93 5.60 -10.76
CA ALA B 328 -1.11 6.26 -12.05
C ALA B 328 -2.56 6.68 -12.27
N THR B 329 -3.53 5.89 -11.78
CA THR B 329 -4.94 6.11 -12.10
C THR B 329 -5.72 6.69 -10.93
N GLY B 330 -5.04 7.09 -9.86
CA GLY B 330 -5.68 7.80 -8.77
C GLY B 330 -6.51 6.98 -7.83
N GLN B 331 -6.21 5.70 -7.70
CA GLN B 331 -6.89 4.91 -6.69
C GLN B 331 -6.36 5.27 -5.30
N ASP B 332 -7.04 4.78 -4.28
CA ASP B 332 -6.60 5.04 -2.92
C ASP B 332 -5.34 4.23 -2.64
N GLU B 333 -4.29 4.92 -2.22
CA GLU B 333 -2.98 4.30 -2.07
C GLU B 333 -2.98 3.24 -0.97
N ALA B 334 -3.79 3.44 0.07
CA ALA B 334 -3.82 2.48 1.17
C ALA B 334 -4.50 1.18 0.76
N HIS B 335 -5.24 1.17 -0.35
CA HIS B 335 -5.88 -0.06 -0.82
C HIS B 335 -4.90 -1.00 -1.48
N ILE B 336 -3.66 -0.56 -1.71
CA ILE B 336 -2.60 -1.50 -2.08
C ILE B 336 -2.49 -2.61 -1.05
N VAL B 337 -2.84 -2.31 0.21
CA VAL B 337 -2.84 -3.34 1.25
C VAL B 337 -3.76 -4.49 0.84
N GLU B 338 -4.95 -4.13 0.40
CA GLU B 338 -5.94 -5.14 0.03
C GLU B 338 -5.54 -5.88 -1.24
N GLY B 339 -4.94 -5.17 -2.20
CA GLY B 339 -4.52 -5.81 -3.44
C GLY B 339 -3.34 -6.75 -3.29
N SER B 340 -2.60 -6.68 -2.19
CA SER B 340 -1.51 -7.62 -1.97
C SER B 340 -1.99 -9.02 -1.63
N LEU B 341 -3.27 -9.22 -1.34
CA LEU B 341 -3.81 -10.54 -1.04
C LEU B 341 -4.01 -11.34 -2.33
N GLY B 342 -3.84 -12.64 -2.23
CA GLY B 342 -4.12 -13.47 -3.38
C GLY B 342 -3.12 -14.58 -3.61
N ILE B 343 -3.45 -15.41 -4.59
CA ILE B 343 -2.81 -16.71 -4.82
C ILE B 343 -2.48 -16.87 -6.29
N THR B 344 -1.22 -17.18 -6.56
CA THR B 344 -0.76 -17.57 -7.89
C THR B 344 -0.70 -19.08 -8.00
N VAL B 345 -1.33 -19.62 -9.02
CA VAL B 345 -1.34 -21.05 -9.27
C VAL B 345 -0.62 -21.28 -10.59
N ALA B 346 0.38 -22.15 -10.57
CA ALA B 346 1.14 -22.54 -11.75
C ALA B 346 1.13 -24.05 -11.78
N GLU B 347 0.68 -24.61 -12.89
CA GLU B 347 0.40 -26.03 -12.98
C GLU B 347 0.89 -26.56 -14.31
N CYS B 348 1.55 -27.72 -14.27
CA CYS B 348 1.95 -28.40 -15.49
C CYS B 348 0.72 -28.95 -16.19
N THR B 349 0.63 -28.68 -17.48
CA THR B 349 -0.39 -29.27 -18.34
C THR B 349 0.30 -30.19 -19.36
N GLU B 350 -0.51 -31.03 -20.00
CA GLU B 350 0.03 -31.90 -21.03
C GLU B 350 0.82 -31.11 -22.08
N ASP B 351 0.33 -29.93 -22.46
CA ASP B 351 0.94 -29.16 -23.54
C ASP B 351 1.70 -27.92 -23.07
N GLY B 352 1.94 -27.77 -21.77
CA GLY B 352 2.66 -26.61 -21.25
C GLY B 352 2.35 -26.24 -19.80
N VAL B 353 1.90 -25.01 -19.52
CA VAL B 353 1.52 -24.61 -18.18
C VAL B 353 0.15 -23.95 -18.19
N TYR B 354 -0.51 -24.06 -17.06
CA TYR B 354 -1.60 -23.20 -16.66
C TYR B 354 -1.01 -22.25 -15.63
N PHE B 355 -1.24 -20.95 -15.80
CA PHE B 355 -0.72 -19.94 -14.91
C PHE B 355 -1.83 -18.93 -14.65
N SER B 356 -2.15 -18.70 -13.38
CA SER B 356 -3.26 -17.84 -13.04
C SER B 356 -2.94 -17.01 -11.81
N VAL B 357 -3.57 -15.83 -11.73
CA VAL B 357 -3.54 -14.99 -10.54
C VAL B 357 -4.97 -14.79 -10.05
N THR B 358 -5.14 -14.79 -8.73
CA THR B 358 -6.43 -14.60 -8.09
C THR B 358 -6.28 -13.49 -7.08
N LEU B 359 -7.05 -12.41 -7.26
CA LEU B 359 -7.01 -11.25 -6.38
C LEU B 359 -8.42 -11.01 -5.86
N PRO B 360 -8.75 -11.50 -4.67
CA PRO B 360 -10.12 -11.41 -4.19
C PRO B 360 -10.50 -10.04 -3.65
N ASP B 361 -9.56 -9.09 -3.60
CA ASP B 361 -9.75 -7.89 -2.78
C ASP B 361 -9.06 -6.68 -3.45
N VAL B 362 -9.71 -6.14 -4.48
CA VAL B 362 -9.15 -5.03 -5.27
C VAL B 362 -10.15 -3.89 -5.33
N PRO B 363 -10.10 -2.91 -4.43
CA PRO B 363 -11.05 -1.78 -4.48
C PRO B 363 -10.59 -0.71 -5.46
N VAL B 364 -11.32 -0.56 -6.57
CA VAL B 364 -10.99 0.41 -7.61
C VAL B 364 -12.24 1.20 -8.00
N GLY B 365 -12.00 2.33 -8.67
CA GLY B 365 -13.08 3.13 -9.21
C GLY B 365 -12.59 3.94 -10.39
N THR B 366 -13.53 4.30 -11.28
CA THR B 366 -13.20 5.12 -12.43
C THR B 366 -13.82 6.49 -12.37
N VAL B 367 -14.59 6.78 -11.32
CA VAL B 367 -15.03 8.14 -11.01
C VAL B 367 -14.74 8.39 -9.54
N GLY B 368 -14.78 9.66 -9.14
CA GLY B 368 -14.60 10.04 -7.75
C GLY B 368 -13.22 9.76 -7.22
N GLY B 369 -13.03 10.11 -5.95
CA GLY B 369 -11.75 9.88 -5.31
C GLY B 369 -10.63 10.62 -6.01
N GLY B 370 -9.55 9.90 -6.25
CA GLY B 370 -8.40 10.48 -6.92
C GLY B 370 -8.42 10.44 -8.43
N THR B 371 -9.39 9.72 -9.03
CA THR B 371 -9.49 9.70 -10.49
C THR B 371 -9.71 11.09 -11.07
N ARG B 372 -10.19 12.05 -10.26
CA ARG B 372 -10.47 13.40 -10.75
C ARG B 372 -9.21 14.25 -10.90
N VAL B 373 -8.14 13.97 -10.14
CA VAL B 373 -6.91 14.74 -10.29
C VAL B 373 -6.40 14.56 -11.72
N GLU B 374 -5.95 15.66 -12.33
CA GLU B 374 -5.86 15.72 -13.79
C GLU B 374 -4.91 14.67 -14.37
N THR B 375 -3.71 14.52 -13.80
CA THR B 375 -2.76 13.54 -14.35
C THR B 375 -3.32 12.12 -14.26
N GLN B 376 -4.03 11.82 -13.18
CA GLN B 376 -4.60 10.48 -13.05
C GLN B 376 -5.75 10.28 -14.03
N LYS B 377 -6.52 11.33 -14.29
CA LYS B 377 -7.60 11.24 -15.26
C LYS B 377 -7.05 10.85 -16.63
N GLU B 378 -5.97 11.51 -17.06
CA GLU B 378 -5.37 11.20 -18.36
C GLU B 378 -4.95 9.75 -18.44
N CYS B 379 -4.36 9.22 -17.37
CA CYS B 379 -3.93 7.82 -17.36
C CYS B 379 -5.10 6.87 -17.56
N LEU B 380 -6.26 7.19 -16.97
CA LEU B 380 -7.44 6.35 -17.19
C LEU B 380 -7.95 6.51 -18.62
N GLU B 381 -7.85 7.73 -19.18
CA GLU B 381 -8.22 7.95 -20.57
C GLU B 381 -7.35 7.13 -21.52
N LEU B 382 -6.05 7.02 -21.26
CA LEU B 382 -5.19 6.17 -22.09
C LEU B 382 -5.65 4.71 -22.09
N LEU B 383 -6.37 4.27 -21.07
CA LEU B 383 -6.95 2.93 -21.06
C LEU B 383 -8.39 2.91 -21.56
N GLY B 384 -8.95 4.07 -21.88
CA GLY B 384 -10.38 4.16 -22.12
C GLY B 384 -11.23 3.80 -20.91
N CYS B 385 -10.78 4.17 -19.70
CA CYS B 385 -11.41 3.71 -18.47
C CYS B 385 -11.77 4.84 -17.51
N HIS B 386 -11.87 6.08 -17.98
CA HIS B 386 -12.36 7.16 -17.13
C HIS B 386 -13.87 7.31 -17.35
N GLY B 387 -14.61 7.45 -16.27
CA GLY B 387 -16.03 7.74 -16.36
C GLY B 387 -16.91 6.54 -16.10
N GLY B 388 -18.19 6.73 -16.42
CA GLY B 388 -19.19 5.73 -16.11
C GLY B 388 -19.14 4.52 -17.02
N ASP B 389 -19.56 3.38 -16.45
CA ASP B 389 -19.59 2.09 -17.15
C ASP B 389 -18.19 1.64 -17.57
N LYS B 390 -17.22 1.83 -16.69
CA LYS B 390 -15.86 1.43 -17.02
C LYS B 390 -15.11 0.75 -15.91
N ALA B 391 -15.66 0.65 -14.72
CA ALA B 391 -14.93 0.07 -13.61
C ALA B 391 -14.63 -1.40 -13.84
N LEU B 392 -15.56 -2.14 -14.43
CA LEU B 392 -15.31 -3.56 -14.66
C LEU B 392 -14.27 -3.74 -15.73
N LYS B 393 -14.29 -2.90 -16.77
CA LYS B 393 -13.23 -2.92 -17.77
C LYS B 393 -11.88 -2.68 -17.13
N PHE B 394 -11.79 -1.65 -16.27
CA PHE B 394 -10.54 -1.34 -15.59
C PHE B 394 -10.09 -2.49 -14.69
N ALA B 395 -11.03 -3.13 -13.98
CA ALA B 395 -10.67 -4.27 -13.15
C ALA B 395 -10.03 -5.37 -13.96
N GLU B 396 -10.61 -5.68 -15.11
CA GLU B 396 -10.03 -6.72 -15.97
C GLU B 396 -8.63 -6.31 -16.44
N ILE B 397 -8.41 -5.03 -16.72
CA ILE B 397 -7.07 -4.60 -17.09
C ILE B 397 -6.11 -4.79 -15.91
N VAL B 398 -6.56 -4.46 -14.69
CA VAL B 398 -5.73 -4.64 -13.50
C VAL B 398 -5.28 -6.09 -13.39
N GLY B 399 -6.22 -7.02 -13.54
CA GLY B 399 -5.88 -8.42 -13.42
C GLY B 399 -4.93 -8.90 -14.49
N ALA B 400 -5.15 -8.48 -15.74
CA ALA B 400 -4.25 -8.89 -16.82
C ALA B 400 -2.85 -8.35 -16.61
N THR B 401 -2.74 -7.13 -16.08
CA THR B 401 -1.43 -6.53 -15.82
C THR B 401 -0.70 -7.27 -14.71
N VAL B 402 -1.44 -7.67 -13.66
CA VAL B 402 -0.83 -8.40 -12.56
C VAL B 402 -0.34 -9.75 -13.04
N LEU B 403 -1.14 -10.43 -13.87
CA LEU B 403 -0.68 -11.69 -14.42
C LEU B 403 0.58 -11.51 -15.25
N ALA B 404 0.58 -10.50 -16.12
CA ALA B 404 1.74 -10.28 -16.97
C ALA B 404 2.99 -10.13 -16.13
N GLY B 405 2.91 -9.34 -15.06
CA GLY B 405 4.07 -9.07 -14.23
C GLY B 405 4.45 -10.22 -13.31
N GLU B 406 3.46 -10.92 -12.77
CA GLU B 406 3.73 -12.10 -11.95
C GLU B 406 4.37 -13.21 -12.78
N LEU B 407 3.95 -13.32 -14.04
CA LEU B 407 4.56 -14.31 -14.92
C LEU B 407 5.99 -13.93 -15.26
N SER B 408 6.23 -12.65 -15.51
CA SER B 408 7.59 -12.21 -15.80
C SER B 408 8.52 -12.52 -14.63
N LEU B 409 8.11 -12.14 -13.41
CA LEU B 409 8.97 -12.38 -12.26
C LEU B 409 9.16 -13.87 -12.02
N ILE B 410 8.06 -14.65 -11.98
CA ILE B 410 8.20 -16.08 -11.72
C ILE B 410 9.01 -16.76 -12.82
N GLY B 411 8.83 -16.34 -14.07
CA GLY B 411 9.61 -16.91 -15.16
C GLY B 411 11.09 -16.63 -15.05
N ALA B 412 11.45 -15.40 -14.67
CA ALA B 412 12.86 -15.05 -14.53
C ALA B 412 13.51 -15.81 -13.38
N LEU B 413 12.75 -16.12 -12.33
CA LEU B 413 13.29 -16.91 -11.22
C LEU B 413 13.47 -18.37 -11.62
N SER B 414 12.61 -18.88 -12.48
CA SER B 414 12.74 -20.26 -12.90
C SER B 414 13.98 -20.45 -13.77
N VAL B 415 14.45 -19.40 -14.45
CA VAL B 415 15.70 -19.50 -15.22
C VAL B 415 16.87 -19.74 -14.29
N GLY B 416 17.06 -18.86 -13.31
CA GLY B 416 18.10 -19.06 -12.32
C GLY B 416 17.98 -20.38 -11.62
N HIS B 417 16.73 -20.80 -11.37
CA HIS B 417 16.49 -22.11 -10.77
C HIS B 417 17.04 -23.22 -11.65
N LEU B 418 16.72 -23.19 -12.95
CA LEU B 418 17.24 -24.21 -13.86
C LEU B 418 18.75 -24.21 -13.90
N ALA B 419 19.35 -23.03 -14.06
CA ALA B 419 20.80 -22.94 -14.18
C ALA B 419 21.48 -23.49 -12.94
N ARG B 420 21.11 -22.98 -11.76
CA ARG B 420 21.75 -23.41 -10.52
C ARG B 420 21.56 -24.89 -10.25
N ALA B 421 20.56 -25.53 -10.86
CA ALA B 421 20.33 -26.96 -10.65
C ALA B 421 21.02 -27.78 -11.72
S SO4 C . 18.34 -0.12 -1.68
O1 SO4 C . 19.03 0.62 -2.73
O2 SO4 C . 17.15 -0.76 -2.25
O3 SO4 C . 17.93 0.77 -0.59
O4 SO4 C . 19.27 -1.12 -1.16
S SO4 D . 29.64 7.05 4.56
O1 SO4 D . 29.27 8.27 3.84
O2 SO4 D . 29.56 5.90 3.68
O3 SO4 D . 31.03 7.17 5.02
O4 SO4 D . 28.78 6.89 5.73
S1 DTT E . 15.09 20.97 8.66
C1 DTT E . 14.37 21.59 10.20
C2 DTT E . 13.33 20.61 10.76
O2 DTT E . 12.11 21.32 10.91
C3 DTT E . 13.68 19.98 12.12
O3 DTT E . 15.05 19.54 12.21
C4 DTT E . 13.30 20.94 13.25
S4 DTT E . 14.11 20.53 14.82
S1 DTT F . 14.86 0.13 -38.49
C1 DTT F . 15.39 1.76 -37.92
C2 DTT F . 14.83 2.87 -38.79
O2 DTT F . 15.47 2.86 -40.07
C3 DTT F . 15.06 4.21 -38.11
O3 DTT F . 16.43 4.26 -37.68
C4 DTT F . 14.73 5.38 -39.02
S4 DTT F . 14.95 6.98 -38.21
NA NA G . 20.61 12.23 -7.68
C1 GOL H . 24.55 -17.80 16.28
O1 GOL H . 24.19 -19.16 16.10
C2 GOL H . 24.81 -17.17 14.93
O2 GOL H . 24.01 -17.81 13.97
C3 GOL H . 24.50 -15.68 14.92
O3 GOL H . 25.16 -15.03 15.99
C1 GOL I . 21.21 11.80 -31.34
O1 GOL I . 21.38 10.48 -31.82
C2 GOL I . 21.01 11.78 -29.83
O2 GOL I . 21.83 10.78 -29.25
C3 GOL I . 21.34 13.15 -29.23
O3 GOL I . 21.22 13.12 -27.82
C1 GOL J . -1.93 2.18 35.46
O1 GOL J . -1.66 1.12 36.36
C2 GOL J . -0.82 3.21 35.56
O2 GOL J . 0.43 2.55 35.49
C3 GOL J . -0.93 4.22 34.44
O3 GOL J . 0.34 4.78 34.14
O1 P6G K . 1.46 -2.04 -39.69
C2 P6G K . 0.42 -1.22 -40.24
C3 P6G K . 0.21 0.05 -39.42
O4 P6G K . 1.21 1.03 -39.70
C5 P6G K . 0.65 2.30 -40.01
C6 P6G K . 1.71 3.39 -39.92
O7 P6G K . 1.11 4.66 -40.17
S SO4 L . -16.51 7.19 -3.49
O1 SO4 L . -16.62 8.38 -4.33
O2 SO4 L . -17.84 6.81 -3.02
O3 SO4 L . -15.94 6.12 -4.29
O4 SO4 L . -15.63 7.44 -2.35
S SO4 M . -18.39 -16.11 -21.50
O1 SO4 M . -17.49 -15.52 -22.49
O2 SO4 M . -19.76 -15.69 -21.77
O3 SO4 M . -18.31 -17.56 -21.61
O4 SO4 M . -18.00 -15.67 -20.15
C1 GOL N . -30.49 -10.41 1.25
O1 GOL N . -30.06 -11.08 0.09
C2 GOL N . -31.23 -11.42 2.11
O2 GOL N . -30.73 -12.71 1.85
C3 GOL N . -31.09 -11.08 3.61
O3 GOL N . -31.66 -12.11 4.39
CL CL O . -34.51 -15.77 23.75
#